data_7LGV
#
_entry.id   7LGV
#
_entity_poly.entity_id   1
_entity_poly.type   'polypeptide(L)'
_entity_poly.pdbx_seq_one_letter_code
;IAGVADLNNMSELGCPFIEKWCEDHCESKKQVGKCENFDCSCVKLGGK
;
_entity_poly.pdbx_strand_id   A
#
# COMPACT_ATOMS: atom_id res chain seq x y z
N ILE A 1 1.56 -4.09 -21.19
CA ILE A 1 2.31 -3.48 -20.07
C ILE A 1 1.41 -3.03 -18.92
N ALA A 2 0.44 -2.15 -19.15
CA ALA A 2 -0.34 -1.46 -18.10
C ALA A 2 -1.30 -2.36 -17.30
N GLY A 3 -1.74 -3.48 -17.89
CA GLY A 3 -2.53 -4.51 -17.20
C GLY A 3 -1.68 -5.45 -16.33
N VAL A 4 -0.36 -5.50 -16.54
CA VAL A 4 0.67 -6.24 -15.79
C VAL A 4 0.55 -7.79 -15.80
N ALA A 5 -0.65 -8.35 -15.81
CA ALA A 5 -0.94 -9.78 -15.63
C ALA A 5 -0.37 -10.34 -14.30
N ASP A 6 -0.74 -9.73 -13.17
CA ASP A 6 -0.28 -10.11 -11.82
C ASP A 6 -1.39 -9.97 -10.77
N LEU A 7 -1.36 -10.87 -9.78
CA LEU A 7 -2.41 -11.09 -8.79
C LEU A 7 -2.00 -10.61 -7.38
N ASN A 8 -2.99 -10.44 -6.49
CA ASN A 8 -2.85 -10.13 -5.07
C ASN A 8 -2.01 -8.86 -4.77
N ASN A 9 -2.07 -7.89 -5.70
CA ASN A 9 -1.17 -6.74 -5.76
C ASN A 9 -1.00 -5.96 -4.45
N MET A 10 -2.09 -5.58 -3.78
CA MET A 10 -2.07 -4.81 -2.54
C MET A 10 -1.77 -5.60 -1.25
N SER A 11 -1.28 -6.84 -1.34
CA SER A 11 -0.78 -7.59 -0.19
C SER A 11 0.57 -7.00 0.29
N GLU A 12 0.61 -6.51 1.53
CA GLU A 12 1.85 -5.99 2.14
C GLU A 12 2.96 -7.06 2.28
N LEU A 13 2.64 -8.36 2.19
CA LEU A 13 3.62 -9.45 2.16
C LEU A 13 4.49 -9.45 0.89
N GLY A 14 3.98 -8.89 -0.21
CA GLY A 14 4.72 -8.68 -1.47
C GLY A 14 5.48 -7.36 -1.52
N CYS A 15 5.36 -6.50 -0.51
CA CYS A 15 6.02 -5.19 -0.43
C CYS A 15 6.36 -4.76 1.02
N PRO A 16 6.93 -5.65 1.86
CA PRO A 16 7.07 -5.40 3.30
C PRO A 16 8.13 -4.34 3.66
N PHE A 17 9.03 -3.99 2.73
CA PHE A 17 9.93 -2.83 2.90
C PHE A 17 9.33 -1.50 2.40
N ILE A 18 8.11 -1.51 1.81
CA ILE A 18 7.46 -0.34 1.19
C ILE A 18 6.26 0.15 2.00
N GLU A 19 5.57 -0.75 2.74
CA GLU A 19 4.38 -0.41 3.56
C GLU A 19 4.61 0.80 4.49
N LYS A 20 5.84 0.93 5.02
CA LYS A 20 6.39 2.05 5.80
C LYS A 20 6.19 3.42 5.15
N TRP A 21 6.56 3.56 3.88
CA TRP A 21 6.51 4.81 3.12
C TRP A 21 5.07 5.19 2.74
N CYS A 22 4.23 4.18 2.55
CA CYS A 22 2.80 4.37 2.25
C CYS A 22 2.02 4.81 3.48
N GLU A 23 2.35 4.27 4.65
CA GLU A 23 1.82 4.75 5.91
C GLU A 23 2.20 6.22 6.17
N ASP A 24 3.42 6.64 5.78
CA ASP A 24 3.94 7.99 6.02
C ASP A 24 3.21 9.07 5.17
N HIS A 25 2.88 8.73 3.92
CA HIS A 25 2.10 9.56 3.00
C HIS A 25 0.62 9.56 3.40
N CYS A 26 -0.01 8.40 3.50
CA CYS A 26 -1.44 8.34 3.78
C CYS A 26 -1.80 8.92 5.16
N GLU A 27 -0.86 8.90 6.12
CA GLU A 27 -0.98 9.60 7.40
C GLU A 27 -1.17 11.11 7.26
N SER A 28 -0.44 11.76 6.34
CA SER A 28 -0.61 13.16 5.99
C SER A 28 -2.01 13.44 5.40
N LYS A 29 -2.63 12.42 4.81
CA LYS A 29 -3.99 12.45 4.23
C LYS A 29 -5.09 11.92 5.19
N LYS A 30 -4.77 11.63 6.46
CA LYS A 30 -5.66 11.00 7.47
C LYS A 30 -6.19 9.59 7.08
N GLN A 31 -5.57 8.96 6.08
CA GLN A 31 -5.71 7.55 5.71
C GLN A 31 -4.69 6.67 6.47
N VAL A 32 -4.86 5.35 6.38
CA VAL A 32 -3.95 4.38 7.02
C VAL A 32 -2.84 3.90 6.07
N GLY A 33 -3.18 3.76 4.79
CA GLY A 33 -2.22 3.39 3.74
C GLY A 33 -1.90 1.90 3.62
N LYS A 34 -1.50 1.49 2.41
CA LYS A 34 -1.05 0.15 2.01
C LYS A 34 -0.14 0.26 0.77
N CYS A 35 0.71 -0.73 0.51
CA CYS A 35 1.55 -0.80 -0.69
C CYS A 35 0.96 -1.77 -1.74
N GLU A 36 1.14 -1.47 -3.03
CA GLU A 36 0.74 -2.32 -4.17
C GLU A 36 1.97 -2.74 -5.02
N ASN A 37 3.07 -3.05 -4.33
CA ASN A 37 4.39 -3.50 -4.82
C ASN A 37 5.10 -2.66 -5.91
N PHE A 38 4.59 -1.47 -6.26
CA PHE A 38 5.24 -0.51 -7.17
C PHE A 38 4.99 0.92 -6.72
N ASP A 39 3.77 1.17 -6.22
CA ASP A 39 3.32 2.41 -5.59
C ASP A 39 2.53 2.09 -4.30
N CYS A 40 1.97 3.13 -3.70
CA CYS A 40 1.10 3.10 -2.52
C CYS A 40 -0.39 3.32 -2.85
N SER A 41 -1.26 3.01 -1.89
CA SER A 41 -2.71 3.21 -1.94
C SER A 41 -3.26 3.59 -0.56
N CYS A 42 -4.11 4.63 -0.48
CA CYS A 42 -4.64 5.15 0.78
C CYS A 42 -6.06 4.64 1.09
N VAL A 43 -6.11 3.60 1.93
CA VAL A 43 -7.36 3.10 2.55
C VAL A 43 -7.72 4.01 3.73
N LYS A 44 -8.99 4.42 3.83
CA LYS A 44 -9.47 5.38 4.83
C LYS A 44 -9.76 4.69 6.16
N LEU A 45 -10.26 3.46 6.06
CA LEU A 45 -10.40 2.48 7.15
C LEU A 45 -9.22 1.49 7.14
N GLY A 46 -8.74 1.10 8.31
CA GLY A 46 -7.61 0.18 8.46
C GLY A 46 -7.02 0.13 9.88
N GLY A 47 -5.86 -0.51 10.00
CA GLY A 47 -5.19 -0.79 11.27
C GLY A 47 -4.36 -2.08 11.25
N LYS A 48 -3.76 -2.40 10.09
CA LYS A 48 -3.12 -3.68 9.75
C LYS A 48 -4.08 -4.85 9.90
N ILE A 1 0.23 -25.52 -0.94
CA ILE A 1 -0.06 -25.49 -2.39
C ILE A 1 -1.36 -24.73 -2.71
N ALA A 2 -2.47 -25.00 -2.01
CA ALA A 2 -3.81 -24.48 -2.31
C ALA A 2 -4.06 -23.03 -1.82
N GLY A 3 -3.01 -22.21 -1.80
CA GLY A 3 -3.03 -20.81 -1.36
C GLY A 3 -1.80 -20.05 -1.87
N VAL A 4 -1.90 -19.40 -3.03
CA VAL A 4 -0.83 -18.56 -3.58
C VAL A 4 -0.85 -17.18 -2.92
N ALA A 5 0.37 -16.74 -2.65
CA ALA A 5 0.73 -15.47 -2.02
C ALA A 5 1.21 -14.42 -3.05
N ASP A 6 0.65 -14.44 -4.27
CA ASP A 6 1.15 -13.64 -5.40
C ASP A 6 1.04 -12.12 -5.17
N LEU A 7 2.12 -11.43 -5.53
CA LEU A 7 2.37 -10.02 -5.20
C LEU A 7 1.63 -9.00 -6.07
N ASN A 8 0.94 -9.55 -7.05
CA ASN A 8 0.09 -8.90 -8.02
C ASN A 8 -1.22 -8.33 -7.46
N ASN A 9 -1.55 -8.59 -6.19
CA ASN A 9 -2.65 -7.94 -5.47
C ASN A 9 -2.16 -7.18 -4.22
N MET A 10 -2.89 -6.14 -3.85
CA MET A 10 -2.58 -5.21 -2.77
C MET A 10 -2.53 -5.86 -1.37
N SER A 11 -3.18 -7.01 -1.16
CA SER A 11 -3.18 -7.74 0.12
C SER A 11 -1.87 -8.47 0.47
N GLU A 12 -0.89 -8.56 -0.42
CA GLU A 12 0.37 -9.31 -0.18
C GLU A 12 1.60 -8.39 -0.03
N LEU A 13 2.55 -8.74 0.85
CA LEU A 13 3.68 -7.90 1.25
C LEU A 13 4.97 -8.10 0.42
N GLY A 14 5.65 -7.00 0.10
CA GLY A 14 6.88 -6.96 -0.71
C GLY A 14 7.35 -5.55 -1.13
N CYS A 15 7.18 -4.53 -0.28
CA CYS A 15 7.45 -3.11 -0.58
C CYS A 15 8.50 -2.44 0.36
N PRO A 16 9.70 -3.01 0.60
CA PRO A 16 10.62 -2.59 1.65
C PRO A 16 11.17 -1.15 1.53
N PHE A 17 11.14 -0.52 0.35
CA PHE A 17 11.46 0.91 0.18
C PHE A 17 10.25 1.86 0.20
N ILE A 18 9.03 1.34 0.31
CA ILE A 18 7.78 2.11 0.19
C ILE A 18 7.08 2.30 1.54
N GLU A 19 7.11 1.30 2.43
CA GLU A 19 6.36 1.32 3.70
C GLU A 19 6.80 2.49 4.61
N LYS A 20 8.06 2.91 4.45
CA LYS A 20 8.77 3.93 5.22
C LYS A 20 8.26 5.38 5.05
N TRP A 21 7.54 5.66 3.96
CA TRP A 21 6.95 6.95 3.65
C TRP A 21 5.47 6.80 3.21
N CYS A 22 4.98 5.61 2.83
CA CYS A 22 3.56 5.36 2.58
C CYS A 22 2.72 5.54 3.87
N GLU A 23 3.25 5.07 5.01
CA GLU A 23 2.74 5.32 6.36
C GLU A 23 3.01 6.76 6.90
N ASP A 24 3.33 7.71 6.03
CA ASP A 24 3.51 9.14 6.36
C ASP A 24 2.76 10.05 5.36
N HIS A 25 2.78 9.70 4.06
CA HIS A 25 1.92 10.32 3.04
C HIS A 25 0.46 10.05 3.38
N CYS A 26 0.06 8.78 3.50
CA CYS A 26 -1.32 8.46 3.83
C CYS A 26 -1.70 8.87 5.26
N GLU A 27 -0.75 8.88 6.21
CA GLU A 27 -1.03 9.42 7.55
C GLU A 27 -1.20 10.96 7.54
N SER A 28 -0.52 11.67 6.63
CA SER A 28 -0.75 13.11 6.39
C SER A 28 -2.11 13.38 5.73
N LYS A 29 -2.72 12.34 5.15
CA LYS A 29 -4.05 12.32 4.53
C LYS A 29 -5.16 11.81 5.49
N LYS A 30 -4.75 11.18 6.60
CA LYS A 30 -5.56 10.39 7.54
C LYS A 30 -6.18 9.15 6.87
N GLN A 31 -5.28 8.31 6.37
CA GLN A 31 -5.48 6.99 5.75
C GLN A 31 -4.39 6.00 6.16
N VAL A 32 -4.64 4.70 5.92
CA VAL A 32 -3.77 3.62 6.44
C VAL A 32 -2.42 3.48 5.70
N GLY A 33 -2.41 3.71 4.38
CA GLY A 33 -1.25 3.52 3.51
C GLY A 33 -0.90 2.05 3.26
N LYS A 34 -1.54 1.44 2.25
CA LYS A 34 -1.33 0.05 1.81
C LYS A 34 -0.49 0.01 0.53
N CYS A 35 0.40 -0.98 0.39
CA CYS A 35 1.25 -1.17 -0.78
C CYS A 35 0.63 -2.14 -1.81
N GLU A 36 0.76 -1.81 -3.11
CA GLU A 36 0.48 -2.74 -4.22
C GLU A 36 1.78 -3.20 -4.91
N ASN A 37 2.89 -3.25 -4.15
CA ASN A 37 4.21 -3.75 -4.56
C ASN A 37 4.81 -3.04 -5.80
N PHE A 38 4.41 -1.78 -5.99
CA PHE A 38 4.79 -0.88 -7.08
C PHE A 38 4.52 0.58 -6.66
N ASP A 39 3.34 0.80 -6.07
CA ASP A 39 2.85 2.09 -5.60
C ASP A 39 2.16 1.92 -4.23
N CYS A 40 2.13 3.00 -3.47
CA CYS A 40 1.33 3.16 -2.25
C CYS A 40 -0.12 3.54 -2.62
N SER A 41 -1.12 3.19 -1.81
CA SER A 41 -2.50 3.69 -1.95
C SER A 41 -3.14 3.97 -0.59
N CYS A 42 -3.79 5.12 -0.48
CA CYS A 42 -4.41 5.61 0.74
C CYS A 42 -5.86 5.12 0.87
N VAL A 43 -6.03 3.93 1.43
CA VAL A 43 -7.35 3.38 1.80
C VAL A 43 -7.88 4.06 3.08
N LYS A 44 -9.17 4.41 3.08
CA LYS A 44 -9.89 5.17 4.12
C LYS A 44 -10.99 4.36 4.84
N LEU A 45 -11.58 3.36 4.16
CA LEU A 45 -12.65 2.52 4.71
C LEU A 45 -12.12 1.46 5.69
N GLY A 46 -12.58 1.53 6.94
CA GLY A 46 -12.13 0.71 8.07
C GLY A 46 -11.64 1.56 9.24
N GLY A 47 -11.42 0.94 10.40
CA GLY A 47 -10.95 1.60 11.62
C GLY A 47 -11.94 2.61 12.21
N LYS A 48 -11.45 3.44 13.14
CA LYS A 48 -12.21 4.53 13.76
C LYS A 48 -12.22 5.78 12.89
N ILE A 1 8.71 -1.17 -13.45
CA ILE A 1 8.56 -2.24 -14.45
C ILE A 1 7.25 -2.07 -15.22
N ALA A 2 7.23 -2.37 -16.53
CA ALA A 2 6.02 -2.32 -17.35
C ALA A 2 5.08 -3.53 -17.14
N GLY A 3 5.64 -4.70 -16.83
CA GLY A 3 4.96 -6.00 -16.79
C GLY A 3 3.97 -6.24 -15.64
N VAL A 4 3.73 -5.26 -14.76
CA VAL A 4 2.72 -5.37 -13.69
C VAL A 4 1.32 -5.56 -14.27
N ALA A 5 1.05 -4.93 -15.42
CA ALA A 5 -0.20 -4.96 -16.17
C ALA A 5 -1.44 -4.46 -15.37
N ASP A 6 -1.20 -3.58 -14.39
CA ASP A 6 -2.19 -2.87 -13.56
C ASP A 6 -3.17 -3.75 -12.74
N LEU A 7 -2.79 -5.00 -12.53
CA LEU A 7 -3.58 -6.08 -11.90
C LEU A 7 -3.96 -5.91 -10.43
N ASN A 8 -3.28 -4.96 -9.80
CA ASN A 8 -3.48 -4.38 -8.50
C ASN A 8 -3.62 -5.43 -7.39
N ASN A 9 -2.63 -6.31 -7.39
CA ASN A 9 -2.48 -7.47 -6.50
C ASN A 9 -2.46 -7.14 -4.99
N MET A 10 -1.86 -6.00 -4.62
CA MET A 10 -1.90 -5.38 -3.28
C MET A 10 -1.47 -6.28 -2.09
N SER A 11 -0.32 -6.96 -2.21
CA SER A 11 0.26 -7.79 -1.14
C SER A 11 0.92 -6.94 -0.03
N GLU A 12 0.75 -7.33 1.24
CA GLU A 12 1.15 -6.51 2.39
C GLU A 12 2.68 -6.30 2.53
N LEU A 13 3.45 -7.29 2.05
CA LEU A 13 4.91 -7.39 2.20
C LEU A 13 5.72 -6.94 0.96
N GLY A 14 5.06 -6.51 -0.12
CA GLY A 14 5.68 -6.22 -1.42
C GLY A 14 6.37 -4.85 -1.56
N CYS A 15 6.43 -4.02 -0.51
CA CYS A 15 6.86 -2.62 -0.59
C CYS A 15 7.95 -2.22 0.45
N PRO A 16 8.99 -3.05 0.73
CA PRO A 16 9.94 -2.79 1.82
C PRO A 16 10.68 -1.43 1.74
N PHE A 17 10.85 -0.87 0.54
CA PHE A 17 11.47 0.45 0.33
C PHE A 17 10.50 1.50 -0.26
N ILE A 18 9.20 1.31 -0.02
CA ILE A 18 8.11 2.24 -0.39
C ILE A 18 7.15 2.47 0.80
N GLU A 19 6.89 1.44 1.61
CA GLU A 19 5.83 1.44 2.63
C GLU A 19 6.04 2.51 3.72
N LYS A 20 7.31 2.74 4.08
CA LYS A 20 7.76 3.70 5.10
C LYS A 20 7.56 5.17 4.73
N TRP A 21 7.82 5.53 3.47
CA TRP A 21 7.54 6.89 2.97
C TRP A 21 6.02 7.12 2.89
N CYS A 22 5.30 6.05 2.54
CA CYS A 22 3.85 6.04 2.40
C CYS A 22 3.12 6.12 3.75
N GLU A 23 3.67 5.50 4.80
CA GLU A 23 3.12 5.51 6.15
C GLU A 23 2.91 6.93 6.68
N ASP A 24 3.82 7.85 6.34
CA ASP A 24 3.78 9.27 6.68
C ASP A 24 2.93 10.12 5.72
N HIS A 25 2.83 9.74 4.44
CA HIS A 25 1.97 10.38 3.44
C HIS A 25 0.51 10.14 3.79
N CYS A 26 0.12 8.87 3.94
CA CYS A 26 -1.26 8.53 4.25
C CYS A 26 -1.67 9.07 5.62
N GLU A 27 -0.76 9.18 6.60
CA GLU A 27 -1.02 9.85 7.88
C GLU A 27 -1.37 11.35 7.73
N SER A 28 -0.80 12.04 6.74
CA SER A 28 -1.17 13.44 6.41
C SER A 28 -2.59 13.50 5.82
N LYS A 29 -2.99 12.44 5.12
CA LYS A 29 -4.34 12.12 4.62
C LYS A 29 -5.26 11.45 5.67
N LYS A 30 -4.78 11.27 6.92
CA LYS A 30 -5.37 10.46 8.01
C LYS A 30 -5.74 9.01 7.66
N GLN A 31 -5.30 8.51 6.51
CA GLN A 31 -5.38 7.11 6.10
C GLN A 31 -4.16 6.29 6.57
N VAL A 32 -4.26 4.97 6.51
CA VAL A 32 -3.19 4.07 6.98
C VAL A 32 -2.08 3.83 5.94
N GLY A 33 -2.44 3.57 4.68
CA GLY A 33 -1.52 3.22 3.58
C GLY A 33 -1.37 1.71 3.33
N LYS A 34 -1.81 1.27 2.15
CA LYS A 34 -1.75 -0.09 1.61
C LYS A 34 -0.70 -0.21 0.49
N CYS A 35 0.15 -1.22 0.54
CA CYS A 35 1.10 -1.56 -0.52
C CYS A 35 0.37 -2.10 -1.78
N GLU A 36 0.82 -1.70 -2.96
CA GLU A 36 0.41 -2.30 -4.24
C GLU A 36 1.61 -2.74 -5.10
N ASN A 37 2.54 -3.46 -4.45
CA ASN A 37 3.73 -4.17 -4.97
C ASN A 37 4.80 -3.30 -5.67
N PHE A 38 4.43 -2.13 -6.20
CA PHE A 38 5.25 -1.25 -7.04
C PHE A 38 4.94 0.23 -6.79
N ASP A 39 3.94 0.49 -5.95
CA ASP A 39 3.48 1.78 -5.47
C ASP A 39 2.73 1.49 -4.15
N CYS A 40 2.13 2.53 -3.58
CA CYS A 40 1.29 2.52 -2.39
C CYS A 40 -0.06 3.20 -2.67
N SER A 41 -1.03 3.01 -1.80
CA SER A 41 -2.38 3.57 -1.89
C SER A 41 -2.97 3.84 -0.51
N CYS A 42 -3.38 5.08 -0.23
CA CYS A 42 -4.16 5.40 0.96
C CYS A 42 -5.61 4.96 0.73
N VAL A 43 -6.16 4.07 1.58
CA VAL A 43 -7.55 3.61 1.41
C VAL A 43 -8.39 3.97 2.62
N LYS A 44 -9.53 4.62 2.37
CA LYS A 44 -10.53 4.98 3.38
C LYS A 44 -11.32 3.74 3.80
N LEU A 45 -11.59 2.85 2.84
CA LEU A 45 -12.27 1.55 3.00
C LEU A 45 -11.28 0.42 3.41
N GLY A 46 -10.45 0.69 4.42
CA GLY A 46 -9.43 -0.24 4.93
C GLY A 46 -10.02 -1.43 5.70
N GLY A 47 -9.31 -2.56 5.71
CA GLY A 47 -9.69 -3.79 6.42
C GLY A 47 -8.84 -4.99 6.01
N LYS A 48 -9.47 -6.16 5.82
CA LYS A 48 -8.83 -7.38 5.28
C LYS A 48 -8.54 -7.27 3.79
N ILE A 1 -2.24 -2.12 -14.28
CA ILE A 1 -3.08 -1.17 -15.05
C ILE A 1 -3.64 -1.81 -16.31
N ALA A 2 -2.84 -2.50 -17.13
CA ALA A 2 -3.26 -3.08 -18.41
C ALA A 2 -4.21 -4.29 -18.28
N GLY A 3 -4.24 -4.96 -17.11
CA GLY A 3 -5.09 -6.12 -16.83
C GLY A 3 -5.46 -6.13 -15.36
N VAL A 4 -5.01 -7.16 -14.63
CA VAL A 4 -5.18 -7.30 -13.17
C VAL A 4 -3.88 -7.72 -12.48
N ALA A 5 -3.09 -8.61 -13.09
CA ALA A 5 -1.80 -9.13 -12.59
C ALA A 5 -1.85 -9.79 -11.18
N ASP A 6 -3.03 -10.23 -10.76
CA ASP A 6 -3.43 -10.68 -9.41
C ASP A 6 -3.36 -9.60 -8.30
N LEU A 7 -4.13 -9.79 -7.23
CA LEU A 7 -4.38 -8.80 -6.16
C LEU A 7 -3.25 -8.57 -5.15
N ASN A 8 -2.22 -9.38 -5.29
CA ASN A 8 -1.09 -9.54 -4.38
C ASN A 8 -0.15 -8.32 -4.32
N ASN A 9 -0.28 -7.38 -5.25
CA ASN A 9 0.45 -6.09 -5.23
C ASN A 9 -0.03 -5.17 -4.09
N MET A 10 -1.28 -4.71 -4.20
CA MET A 10 -2.03 -3.85 -3.27
C MET A 10 -2.24 -4.37 -1.82
N SER A 11 -1.17 -4.66 -1.07
CA SER A 11 -1.21 -4.89 0.38
C SER A 11 0.09 -4.56 1.12
N GLU A 12 1.12 -5.42 1.12
CA GLU A 12 2.29 -5.27 2.02
C GLU A 12 3.63 -5.82 1.49
N LEU A 13 3.65 -6.97 0.83
CA LEU A 13 4.88 -7.73 0.55
C LEU A 13 5.92 -7.03 -0.34
N GLY A 14 5.48 -6.26 -1.34
CA GLY A 14 6.36 -5.70 -2.38
C GLY A 14 7.13 -4.43 -2.01
N CYS A 15 7.00 -3.89 -0.80
CA CYS A 15 7.52 -2.55 -0.45
C CYS A 15 8.29 -2.48 0.90
N PRO A 16 9.19 -3.43 1.24
CA PRO A 16 9.79 -3.57 2.58
C PRO A 16 10.61 -2.39 3.12
N PHE A 17 11.04 -1.42 2.30
CA PHE A 17 11.66 -0.16 2.75
C PHE A 17 11.01 1.10 2.17
N ILE A 18 9.90 0.97 1.44
CA ILE A 18 9.07 2.09 0.98
C ILE A 18 7.76 2.20 1.78
N GLU A 19 7.36 1.13 2.48
CA GLU A 19 6.24 1.14 3.45
C GLU A 19 6.37 2.29 4.47
N LYS A 20 7.57 2.58 4.95
CA LYS A 20 7.91 3.71 5.84
C LYS A 20 7.46 5.09 5.30
N TRP A 21 7.65 5.36 4.01
CA TRP A 21 7.25 6.60 3.36
C TRP A 21 5.77 6.65 2.97
N CYS A 22 5.19 5.49 2.60
CA CYS A 22 3.77 5.39 2.23
C CYS A 22 2.86 5.52 3.46
N GLU A 23 3.24 4.89 4.57
CA GLU A 23 2.53 4.97 5.85
C GLU A 23 2.50 6.40 6.42
N ASP A 24 3.52 7.22 6.10
CA ASP A 24 3.65 8.63 6.51
C ASP A 24 2.87 9.59 5.59
N HIS A 25 2.85 9.34 4.28
CA HIS A 25 2.07 10.12 3.30
C HIS A 25 0.58 9.93 3.57
N CYS A 26 0.10 8.68 3.67
CA CYS A 26 -1.30 8.44 3.96
C CYS A 26 -1.68 8.94 5.37
N GLU A 27 -0.76 9.00 6.33
CA GLU A 27 -0.99 9.69 7.62
C GLU A 27 -1.25 11.19 7.44
N SER A 28 -0.54 11.88 6.54
CA SER A 28 -0.85 13.26 6.15
C SER A 28 -2.26 13.39 5.53
N LYS A 29 -2.72 12.36 4.81
CA LYS A 29 -4.09 12.26 4.24
C LYS A 29 -5.18 11.82 5.22
N LYS A 30 -4.80 11.39 6.44
CA LYS A 30 -5.66 10.70 7.44
C LYS A 30 -6.26 9.37 6.91
N GLN A 31 -5.48 8.67 6.08
CA GLN A 31 -5.69 7.30 5.60
C GLN A 31 -4.70 6.31 6.23
N VAL A 32 -5.03 5.01 6.15
CA VAL A 32 -4.21 3.94 6.74
C VAL A 32 -2.90 3.76 5.94
N GLY A 33 -3.02 3.68 4.61
CA GLY A 33 -1.90 3.44 3.69
C GLY A 33 -1.45 1.98 3.58
N LYS A 34 -1.24 1.49 2.35
CA LYS A 34 -0.68 0.17 2.02
C LYS A 34 0.18 0.21 0.76
N CYS A 35 1.05 -0.77 0.60
CA CYS A 35 1.89 -1.00 -0.57
C CYS A 35 1.05 -1.35 -1.81
N GLU A 36 1.44 -0.88 -3.00
CA GLU A 36 0.88 -1.33 -4.28
C GLU A 36 2.00 -1.42 -5.33
N ASN A 37 3.08 -2.11 -4.97
CA ASN A 37 4.28 -2.30 -5.79
C ASN A 37 4.82 -0.95 -6.30
N PHE A 38 5.23 -0.12 -5.32
CA PHE A 38 5.77 1.23 -5.46
C PHE A 38 4.74 2.33 -5.78
N ASP A 39 3.47 1.98 -6.02
CA ASP A 39 2.41 2.97 -6.25
C ASP A 39 1.83 3.62 -4.99
N CYS A 40 1.87 2.89 -3.86
CA CYS A 40 1.17 3.17 -2.59
C CYS A 40 -0.36 3.30 -2.77
N SER A 41 -1.12 3.01 -1.73
CA SER A 41 -2.59 2.99 -1.75
C SER A 41 -3.15 3.49 -0.43
N CYS A 42 -3.59 4.74 -0.39
CA CYS A 42 -4.19 5.35 0.80
C CYS A 42 -5.66 4.95 0.95
N VAL A 43 -5.88 3.79 1.58
CA VAL A 43 -7.21 3.27 1.90
C VAL A 43 -7.81 4.00 3.11
N LYS A 44 -9.11 4.29 3.04
CA LYS A 44 -9.85 5.15 3.99
C LYS A 44 -10.46 4.29 5.08
N LEU A 45 -11.16 3.22 4.68
CA LEU A 45 -11.77 2.21 5.55
C LEU A 45 -10.76 1.21 6.14
N GLY A 46 -9.62 1.01 5.47
CA GLY A 46 -8.55 0.11 5.90
C GLY A 46 -8.59 -1.27 5.22
N GLY A 47 -8.27 -2.31 5.99
CA GLY A 47 -8.15 -3.71 5.54
C GLY A 47 -6.80 -4.05 4.88
N LYS A 48 -6.31 -5.27 5.11
CA LYS A 48 -5.05 -5.80 4.56
C LYS A 48 -5.10 -6.11 3.07
N ILE A 1 0.41 9.63 -22.87
CA ILE A 1 -0.19 9.19 -21.59
C ILE A 1 -0.46 7.69 -21.65
N ALA A 2 0.38 6.87 -21.01
CA ALA A 2 0.23 5.41 -21.00
C ALA A 2 -1.04 4.97 -20.24
N GLY A 3 -1.28 5.49 -19.04
CA GLY A 3 -2.48 5.20 -18.24
C GLY A 3 -2.60 3.75 -17.74
N VAL A 4 -1.49 3.01 -17.66
CA VAL A 4 -1.38 1.58 -17.33
C VAL A 4 -0.03 1.29 -16.66
N ALA A 5 0.02 0.23 -15.85
CA ALA A 5 1.24 -0.27 -15.18
C ALA A 5 1.28 -1.78 -14.82
N ASP A 6 0.28 -2.55 -15.22
CA ASP A 6 0.09 -4.00 -15.01
C ASP A 6 -0.04 -4.56 -13.56
N LEU A 7 0.04 -3.70 -12.56
CA LEU A 7 -0.24 -4.04 -11.16
C LEU A 7 -1.69 -4.55 -11.00
N ASN A 8 -1.87 -5.65 -10.29
CA ASN A 8 -3.11 -6.41 -10.22
C ASN A 8 -3.61 -6.76 -8.81
N ASN A 9 -2.71 -6.96 -7.84
CA ASN A 9 -3.07 -7.52 -6.53
C ASN A 9 -3.46 -6.46 -5.50
N MET A 10 -2.55 -5.51 -5.18
CA MET A 10 -2.74 -4.38 -4.24
C MET A 10 -3.41 -4.72 -2.89
N SER A 11 -3.19 -5.94 -2.38
CA SER A 11 -3.77 -6.45 -1.14
C SER A 11 -2.85 -7.49 -0.49
N GLU A 12 -2.65 -7.38 0.83
CA GLU A 12 -1.80 -8.23 1.69
C GLU A 12 -0.34 -8.46 1.21
N LEU A 13 0.20 -7.56 0.39
CA LEU A 13 1.55 -7.64 -0.21
C LEU A 13 2.70 -7.34 0.76
N GLY A 14 3.94 -7.60 0.31
CA GLY A 14 5.18 -7.24 0.98
C GLY A 14 5.96 -6.17 0.21
N CYS A 15 6.23 -5.02 0.85
CA CYS A 15 6.98 -3.90 0.24
C CYS A 15 7.93 -3.22 1.25
N PRO A 16 8.98 -3.92 1.76
CA PRO A 16 9.81 -3.43 2.87
C PRO A 16 10.37 -2.01 2.73
N PHE A 17 10.84 -1.59 1.55
CA PHE A 17 11.40 -0.24 1.39
C PHE A 17 10.35 0.83 1.03
N ILE A 18 9.13 0.44 0.67
CA ILE A 18 8.07 1.37 0.22
C ILE A 18 7.04 1.66 1.32
N GLU A 19 6.73 0.69 2.18
CA GLU A 19 5.69 0.81 3.23
C GLU A 19 5.93 1.99 4.18
N LYS A 20 7.21 2.31 4.40
CA LYS A 20 7.70 3.44 5.20
C LYS A 20 7.30 4.81 4.64
N TRP A 21 7.27 4.96 3.32
CA TRP A 21 6.77 6.17 2.65
C TRP A 21 5.24 6.22 2.72
N CYS A 22 4.57 5.08 2.50
CA CYS A 22 3.11 4.97 2.54
C CYS A 22 2.53 5.31 3.92
N GLU A 23 3.21 4.87 4.98
CA GLU A 23 2.85 5.18 6.36
C GLU A 23 2.94 6.68 6.68
N ASP A 24 3.81 7.43 5.99
CA ASP A 24 3.96 8.88 6.13
C ASP A 24 2.94 9.66 5.28
N HIS A 25 2.87 9.36 3.98
CA HIS A 25 2.03 10.10 3.03
C HIS A 25 0.55 9.87 3.33
N CYS A 26 0.10 8.63 3.45
CA CYS A 26 -1.30 8.38 3.76
C CYS A 26 -1.68 8.96 5.14
N GLU A 27 -0.76 9.01 6.11
CA GLU A 27 -0.98 9.68 7.42
C GLU A 27 -1.20 11.19 7.28
N SER A 28 -0.47 11.86 6.38
CA SER A 28 -0.73 13.27 6.01
C SER A 28 -2.14 13.45 5.41
N LYS A 29 -2.65 12.44 4.69
CA LYS A 29 -4.00 12.40 4.13
C LYS A 29 -5.08 11.86 5.09
N LYS A 30 -4.74 11.58 6.36
CA LYS A 30 -5.59 10.89 7.37
C LYS A 30 -6.04 9.47 6.98
N GLN A 31 -5.40 8.86 5.97
CA GLN A 31 -5.51 7.46 5.60
C GLN A 31 -4.50 6.58 6.35
N VAL A 32 -4.75 5.26 6.38
CA VAL A 32 -3.87 4.27 7.06
C VAL A 32 -2.67 3.90 6.19
N GLY A 33 -2.91 3.68 4.89
CA GLY A 33 -1.91 3.23 3.92
C GLY A 33 -1.75 1.71 3.81
N LYS A 34 -1.46 1.28 2.58
CA LYS A 34 -1.20 -0.08 2.07
C LYS A 34 -0.24 0.05 0.86
N CYS A 35 0.40 -1.01 0.38
CA CYS A 35 1.36 -0.94 -0.74
C CYS A 35 0.87 -1.68 -1.99
N GLU A 36 1.33 -1.22 -3.16
CA GLU A 36 1.11 -1.82 -4.48
C GLU A 36 2.45 -1.99 -5.24
N ASN A 37 3.42 -2.62 -4.57
CA ASN A 37 4.75 -3.05 -5.05
C ASN A 37 5.73 -1.97 -5.55
N PHE A 38 5.29 -0.72 -5.73
CA PHE A 38 6.09 0.39 -6.25
C PHE A 38 5.57 1.74 -5.74
N ASP A 39 4.25 1.88 -5.66
CA ASP A 39 3.56 2.97 -5.00
C ASP A 39 2.70 2.43 -3.84
N CYS A 40 1.97 3.32 -3.20
CA CYS A 40 1.04 3.10 -2.11
C CYS A 40 -0.42 3.09 -2.56
N SER A 41 -1.30 2.64 -1.68
CA SER A 41 -2.75 2.69 -1.80
C SER A 41 -3.33 3.18 -0.46
N CYS A 42 -3.88 4.40 -0.44
CA CYS A 42 -4.33 5.02 0.81
C CYS A 42 -5.78 4.61 1.15
N VAL A 43 -5.92 3.54 1.93
CA VAL A 43 -7.21 3.12 2.52
C VAL A 43 -7.59 4.05 3.67
N LYS A 44 -8.85 4.51 3.69
CA LYS A 44 -9.38 5.50 4.64
C LYS A 44 -9.83 4.83 5.93
N LEU A 45 -10.55 3.71 5.76
CA LEU A 45 -11.02 2.83 6.82
C LEU A 45 -9.86 2.12 7.54
N GLY A 46 -10.06 1.78 8.81
CA GLY A 46 -9.10 1.01 9.61
C GLY A 46 -9.71 0.40 10.87
N GLY A 47 -9.05 -0.63 11.39
CA GLY A 47 -9.45 -1.41 12.57
C GLY A 47 -8.96 -2.85 12.53
N LYS A 48 -8.81 -3.48 13.70
CA LYS A 48 -8.42 -4.89 13.87
C LYS A 48 -9.34 -5.86 13.14
N ILE A 1 16.14 -17.48 -11.70
CA ILE A 1 14.72 -17.53 -12.13
C ILE A 1 14.51 -16.60 -13.33
N ALA A 2 14.35 -17.15 -14.54
CA ALA A 2 14.17 -16.40 -15.79
C ALA A 2 12.81 -15.66 -15.89
N GLY A 3 11.77 -16.22 -15.26
CA GLY A 3 10.47 -15.55 -15.06
C GLY A 3 10.44 -14.56 -13.90
N VAL A 4 11.60 -14.26 -13.30
CA VAL A 4 11.87 -13.30 -12.21
C VAL A 4 11.20 -13.60 -10.85
N ALA A 5 9.89 -13.77 -10.83
CA ALA A 5 9.05 -14.14 -9.68
C ALA A 5 9.10 -13.20 -8.44
N ASP A 6 9.61 -11.97 -8.60
CA ASP A 6 9.50 -10.94 -7.58
C ASP A 6 8.05 -10.43 -7.52
N LEU A 7 7.53 -10.16 -6.31
CA LEU A 7 6.19 -9.59 -6.16
C LEU A 7 6.17 -8.16 -6.72
N ASN A 8 5.17 -7.89 -7.56
CA ASN A 8 5.08 -6.74 -8.46
C ASN A 8 3.86 -5.82 -8.27
N ASN A 9 2.94 -6.14 -7.37
CA ASN A 9 1.61 -5.53 -7.29
C ASN A 9 1.23 -5.03 -5.88
N MET A 10 -0.07 -4.85 -5.65
CA MET A 10 -0.76 -4.57 -4.38
C MET A 10 -0.57 -5.66 -3.30
N SER A 11 0.62 -5.71 -2.71
CA SER A 11 0.93 -6.50 -1.51
C SER A 11 2.14 -5.95 -0.74
N GLU A 12 2.33 -6.41 0.50
CA GLU A 12 3.41 -6.00 1.41
C GLU A 12 4.77 -6.66 1.12
N LEU A 13 4.77 -7.73 0.32
CA LEU A 13 5.99 -8.44 -0.08
C LEU A 13 6.86 -7.57 -1.00
N GLY A 14 8.16 -7.54 -0.73
CA GLY A 14 9.16 -6.71 -1.42
C GLY A 14 9.11 -5.20 -1.13
N CYS A 15 8.00 -4.67 -0.60
CA CYS A 15 7.82 -3.24 -0.32
C CYS A 15 8.46 -2.65 0.98
N PRO A 16 9.19 -3.36 1.88
CA PRO A 16 9.69 -2.76 3.13
C PRO A 16 10.47 -1.45 3.00
N PHE A 17 11.23 -1.21 1.92
CA PHE A 17 11.96 0.05 1.79
C PHE A 17 11.05 1.25 1.44
N ILE A 18 9.76 1.00 1.17
CA ILE A 18 8.75 1.97 0.72
C ILE A 18 7.66 2.24 1.78
N GLU A 19 7.33 1.28 2.67
CA GLU A 19 6.23 1.45 3.64
C GLU A 19 6.44 2.68 4.55
N LYS A 20 7.69 3.03 4.84
CA LYS A 20 8.16 4.27 5.51
C LYS A 20 7.70 5.59 4.88
N TRP A 21 7.53 5.64 3.56
CA TRP A 21 7.01 6.78 2.82
C TRP A 21 5.48 6.76 2.77
N CYS A 22 4.92 5.57 2.59
CA CYS A 22 3.48 5.36 2.43
C CYS A 22 2.70 5.61 3.74
N GLU A 23 3.23 5.12 4.87
CA GLU A 23 2.73 5.34 6.23
C GLU A 23 3.06 6.74 6.81
N ASP A 24 3.68 7.61 5.99
CA ASP A 24 3.89 9.05 6.26
C ASP A 24 2.95 9.92 5.40
N HIS A 25 2.87 9.62 4.10
CA HIS A 25 1.97 10.27 3.14
C HIS A 25 0.52 10.03 3.53
N CYS A 26 0.06 8.78 3.57
CA CYS A 26 -1.33 8.50 3.90
C CYS A 26 -1.68 8.89 5.34
N GLU A 27 -0.71 8.90 6.27
CA GLU A 27 -0.94 9.43 7.63
C GLU A 27 -1.19 10.94 7.63
N SER A 28 -0.50 11.68 6.75
CA SER A 28 -0.78 13.10 6.48
C SER A 28 -2.17 13.29 5.85
N LYS A 29 -2.65 12.29 5.09
CA LYS A 29 -4.03 12.21 4.57
C LYS A 29 -5.05 11.58 5.55
N LYS A 30 -4.62 11.17 6.75
CA LYS A 30 -5.36 10.36 7.75
C LYS A 30 -5.98 9.04 7.22
N GLN A 31 -5.44 8.51 6.13
CA GLN A 31 -5.67 7.18 5.57
C GLN A 31 -4.63 6.13 6.01
N VAL A 32 -4.90 4.84 5.78
CA VAL A 32 -4.06 3.72 6.24
C VAL A 32 -2.68 3.66 5.57
N GLY A 33 -2.62 3.72 4.23
CA GLY A 33 -1.38 3.54 3.45
C GLY A 33 -0.94 2.07 3.31
N LYS A 34 -1.45 1.39 2.29
CA LYS A 34 -1.05 0.03 1.85
C LYS A 34 -0.02 0.13 0.71
N CYS A 35 0.90 -0.82 0.57
CA CYS A 35 1.82 -0.83 -0.56
C CYS A 35 1.14 -1.31 -1.85
N GLU A 36 1.44 -0.68 -2.98
CA GLU A 36 1.06 -1.18 -4.30
C GLU A 36 2.16 -0.92 -5.33
N ASN A 37 2.83 -1.98 -5.81
CA ASN A 37 3.77 -1.93 -6.95
C ASN A 37 5.05 -1.14 -6.63
N PHE A 38 5.47 -1.13 -5.36
CA PHE A 38 6.53 -0.31 -4.77
C PHE A 38 6.22 1.20 -4.79
N ASP A 39 4.93 1.49 -4.89
CA ASP A 39 4.31 2.77 -4.61
C ASP A 39 3.40 2.56 -3.36
N CYS A 40 2.16 3.01 -3.39
CA CYS A 40 1.28 3.13 -2.23
C CYS A 40 -0.18 3.39 -2.64
N SER A 41 -1.15 3.10 -1.76
CA SER A 41 -2.56 3.47 -1.88
C SER A 41 -3.15 3.86 -0.51
N CYS A 42 -3.82 5.02 -0.46
CA CYS A 42 -4.45 5.55 0.73
C CYS A 42 -5.90 5.05 0.86
N VAL A 43 -6.08 3.84 1.41
CA VAL A 43 -7.41 3.32 1.77
C VAL A 43 -7.94 4.05 3.01
N LYS A 44 -9.22 4.42 2.96
CA LYS A 44 -9.87 5.31 3.94
C LYS A 44 -10.41 4.52 5.12
N LEU A 45 -11.01 3.36 4.84
CA LEU A 45 -11.43 2.37 5.85
C LEU A 45 -10.23 1.96 6.73
N GLY A 46 -10.38 2.10 8.05
CA GLY A 46 -9.31 2.00 9.05
C GLY A 46 -8.55 0.67 9.12
N GLY A 47 -7.41 0.72 9.83
CA GLY A 47 -6.52 -0.42 10.09
C GLY A 47 -7.07 -1.42 11.12
N LYS A 48 -6.20 -2.31 11.61
CA LYS A 48 -6.53 -3.34 12.61
C LYS A 48 -6.93 -2.71 13.96
N ILE A 1 8.08 -0.35 -15.50
CA ILE A 1 6.62 -0.53 -15.39
C ILE A 1 5.89 0.79 -15.67
N ALA A 2 4.98 0.75 -16.64
CA ALA A 2 4.03 1.83 -16.91
C ALA A 2 2.65 1.36 -17.43
N GLY A 3 2.46 0.06 -17.71
CA GLY A 3 1.25 -0.50 -18.33
C GLY A 3 0.02 -0.61 -17.42
N VAL A 4 0.19 -0.61 -16.10
CA VAL A 4 -0.87 -0.76 -15.10
C VAL A 4 -1.92 0.32 -15.21
N ALA A 5 -3.16 -0.15 -15.20
CA ALA A 5 -4.40 0.64 -15.37
C ALA A 5 -5.61 0.11 -14.56
N ASP A 6 -5.34 -0.74 -13.58
CA ASP A 6 -6.30 -1.28 -12.59
C ASP A 6 -6.30 -0.44 -11.29
N LEU A 7 -7.13 -0.81 -10.31
CA LEU A 7 -7.26 -0.19 -8.98
C LEU A 7 -6.26 -0.73 -7.95
N ASN A 8 -6.30 -0.16 -6.74
CA ASN A 8 -5.41 -0.28 -5.59
C ASN A 8 -5.56 -1.61 -4.82
N ASN A 9 -5.99 -2.63 -5.54
CA ASN A 9 -6.41 -3.97 -5.08
C ASN A 9 -5.48 -4.67 -4.06
N MET A 10 -4.18 -4.39 -4.04
CA MET A 10 -3.23 -4.78 -2.99
C MET A 10 -3.24 -6.29 -2.64
N SER A 11 -3.11 -7.14 -3.67
CA SER A 11 -3.25 -8.60 -3.60
C SER A 11 -2.07 -9.32 -2.92
N GLU A 12 -0.90 -8.70 -2.80
CA GLU A 12 0.32 -9.33 -2.28
C GLU A 12 1.26 -8.36 -1.53
N LEU A 13 1.95 -8.88 -0.50
CA LEU A 13 2.93 -8.12 0.30
C LEU A 13 4.30 -8.00 -0.40
N GLY A 14 4.70 -6.76 -0.68
CA GLY A 14 6.01 -6.32 -1.16
C GLY A 14 6.33 -4.92 -0.62
N CYS A 15 6.83 -4.01 -1.47
CA CYS A 15 7.13 -2.62 -1.14
C CYS A 15 8.07 -2.38 0.08
N PRO A 16 9.09 -3.22 0.38
CA PRO A 16 9.84 -3.14 1.65
C PRO A 16 10.49 -1.77 1.94
N PHE A 17 10.87 -1.00 0.92
CA PHE A 17 11.41 0.36 1.09
C PHE A 17 10.58 1.47 0.42
N ILE A 18 9.34 1.15 0.02
CA ILE A 18 8.32 2.12 -0.41
C ILE A 18 7.26 2.30 0.70
N GLU A 19 6.92 1.23 1.42
CA GLU A 19 5.88 1.17 2.46
C GLU A 19 6.04 2.26 3.55
N LYS A 20 7.29 2.60 3.86
CA LYS A 20 7.71 3.67 4.77
C LYS A 20 7.15 5.05 4.40
N TRP A 21 7.16 5.40 3.12
CA TRP A 21 6.57 6.65 2.59
C TRP A 21 5.04 6.62 2.58
N CYS A 22 4.46 5.43 2.41
CA CYS A 22 3.01 5.26 2.40
C CYS A 22 2.43 5.51 3.81
N GLU A 23 3.05 4.95 4.83
CA GLU A 23 2.68 5.18 6.24
C GLU A 23 2.90 6.62 6.73
N ASP A 24 3.71 7.42 6.03
CA ASP A 24 3.99 8.82 6.34
C ASP A 24 2.97 9.77 5.67
N HIS A 25 2.88 9.73 4.34
CA HIS A 25 2.04 10.65 3.54
C HIS A 25 0.56 10.33 3.73
N CYS A 26 0.17 9.06 3.69
CA CYS A 26 -1.24 8.73 3.90
C CYS A 26 -1.68 9.09 5.33
N GLU A 27 -0.79 9.07 6.34
CA GLU A 27 -1.15 9.54 7.70
C GLU A 27 -1.46 11.05 7.71
N SER A 28 -0.71 11.84 6.95
CA SER A 28 -1.03 13.27 6.71
C SER A 28 -2.35 13.48 5.98
N LYS A 29 -2.78 12.53 5.12
CA LYS A 29 -4.11 12.50 4.49
C LYS A 29 -5.21 11.86 5.35
N LYS A 30 -4.86 11.35 6.54
CA LYS A 30 -5.70 10.54 7.48
C LYS A 30 -6.10 9.13 6.99
N GLN A 31 -5.35 8.58 6.05
CA GLN A 31 -5.47 7.21 5.50
C GLN A 31 -4.44 6.20 6.03
N VAL A 32 -4.73 4.90 5.83
CA VAL A 32 -3.99 3.76 6.44
C VAL A 32 -2.58 3.54 5.87
N GLY A 33 -2.34 3.91 4.60
CA GLY A 33 -1.02 3.81 3.97
C GLY A 33 -0.51 2.39 3.77
N LYS A 34 -1.20 1.62 2.92
CA LYS A 34 -0.75 0.30 2.41
C LYS A 34 0.04 0.48 1.11
N CYS A 35 0.41 -0.59 0.43
CA CYS A 35 1.20 -0.53 -0.81
C CYS A 35 0.95 -1.77 -1.67
N GLU A 36 0.86 -1.58 -2.98
CA GLU A 36 0.38 -2.59 -3.93
C GLU A 36 1.52 -3.16 -4.80
N ASN A 37 2.68 -3.43 -4.20
CA ASN A 37 3.87 -4.02 -4.82
C ASN A 37 4.40 -3.23 -6.06
N PHE A 38 4.16 -1.91 -6.12
CA PHE A 38 4.64 -1.01 -7.18
C PHE A 38 4.45 0.47 -6.79
N ASP A 39 3.40 0.77 -6.03
CA ASP A 39 3.07 2.12 -5.56
C ASP A 39 2.27 2.03 -4.24
N CYS A 40 2.31 3.10 -3.46
CA CYS A 40 1.48 3.25 -2.25
C CYS A 40 -0.03 3.20 -2.56
N SER A 41 -0.81 2.88 -1.52
CA SER A 41 -2.28 2.83 -1.54
C SER A 41 -2.86 3.45 -0.25
N CYS A 42 -3.25 4.73 -0.33
CA CYS A 42 -3.93 5.43 0.77
C CYS A 42 -5.40 4.99 0.86
N VAL A 43 -5.67 3.83 1.45
CA VAL A 43 -7.06 3.34 1.65
C VAL A 43 -7.73 4.03 2.84
N LYS A 44 -8.95 4.53 2.62
CA LYS A 44 -9.81 5.16 3.63
C LYS A 44 -10.90 4.22 4.15
N LEU A 45 -11.32 3.26 3.34
CA LEU A 45 -12.20 2.14 3.72
C LEU A 45 -11.50 0.81 3.38
N GLY A 46 -11.78 -0.24 4.16
CA GLY A 46 -11.40 -1.62 3.86
C GLY A 46 -9.91 -1.91 3.97
N GLY A 47 -9.25 -1.43 5.03
CA GLY A 47 -7.84 -1.74 5.34
C GLY A 47 -7.59 -3.17 5.87
N LYS A 48 -8.66 -3.93 6.12
CA LYS A 48 -8.66 -5.34 6.58
C LYS A 48 -7.92 -6.30 5.66
N ILE A 1 -17.40 -4.87 -13.37
CA ILE A 1 -17.58 -6.00 -12.44
C ILE A 1 -17.09 -5.64 -11.03
N ALA A 2 -17.75 -6.16 -9.98
CA ALA A 2 -17.51 -5.79 -8.58
C ALA A 2 -17.68 -6.97 -7.58
N GLY A 3 -17.60 -8.21 -8.06
CA GLY A 3 -17.86 -9.43 -7.30
C GLY A 3 -16.74 -9.87 -6.32
N VAL A 4 -15.90 -8.94 -5.83
CA VAL A 4 -14.70 -9.18 -5.04
C VAL A 4 -14.59 -8.13 -3.94
N ALA A 5 -14.06 -8.56 -2.80
CA ALA A 5 -13.69 -7.74 -1.64
C ALA A 5 -12.22 -7.90 -1.22
N ASP A 6 -11.37 -8.37 -2.15
CA ASP A 6 -9.93 -8.53 -1.99
C ASP A 6 -9.19 -8.33 -3.33
N LEU A 7 -7.99 -7.73 -3.24
CA LEU A 7 -7.15 -7.34 -4.38
C LEU A 7 -5.95 -8.28 -4.54
N ASN A 8 -5.52 -8.56 -5.78
CA ASN A 8 -4.46 -9.51 -6.10
C ASN A 8 -3.04 -9.01 -5.76
N ASN A 9 -2.85 -7.69 -5.58
CA ASN A 9 -1.55 -7.03 -5.29
C ASN A 9 -1.55 -6.15 -4.03
N MET A 10 -2.59 -5.35 -3.78
CA MET A 10 -2.64 -4.43 -2.63
C MET A 10 -2.55 -5.16 -1.28
N SER A 11 -1.55 -4.83 -0.45
CA SER A 11 -1.35 -5.42 0.88
C SER A 11 -0.34 -4.64 1.74
N GLU A 12 -0.52 -4.72 3.05
CA GLU A 12 0.40 -4.26 4.10
C GLU A 12 1.61 -5.20 4.31
N LEU A 13 1.74 -6.25 3.49
CA LEU A 13 2.92 -7.13 3.38
C LEU A 13 3.44 -7.18 1.95
N GLY A 14 4.77 -7.18 1.78
CA GLY A 14 5.48 -7.33 0.49
C GLY A 14 6.29 -6.11 0.03
N CYS A 15 6.18 -4.96 0.71
CA CYS A 15 6.88 -3.71 0.37
C CYS A 15 7.61 -3.08 1.59
N PRO A 16 8.35 -3.86 2.42
CA PRO A 16 8.87 -3.39 3.71
C PRO A 16 9.84 -2.20 3.65
N PHE A 17 10.57 -1.98 2.54
CA PHE A 17 11.40 -0.77 2.38
C PHE A 17 10.67 0.46 1.85
N ILE A 18 9.39 0.35 1.48
CA ILE A 18 8.57 1.48 0.98
C ILE A 18 7.39 1.80 1.92
N GLU A 19 6.91 0.82 2.70
CA GLU A 19 5.80 0.99 3.64
C GLU A 19 6.04 2.12 4.64
N LYS A 20 7.31 2.29 5.04
CA LYS A 20 7.84 3.32 5.94
C LYS A 20 7.58 4.75 5.45
N TRP A 21 7.69 5.00 4.15
CA TRP A 21 7.39 6.31 3.54
C TRP A 21 5.88 6.47 3.33
N CYS A 22 5.22 5.39 2.90
CA CYS A 22 3.81 5.39 2.54
C CYS A 22 2.89 5.69 3.74
N GLU A 23 3.29 5.27 4.95
CA GLU A 23 2.57 5.67 6.17
C GLU A 23 2.56 7.19 6.37
N ASP A 24 3.67 7.88 6.12
CA ASP A 24 3.86 9.31 6.45
C ASP A 24 3.12 10.24 5.46
N HIS A 25 2.90 9.75 4.24
CA HIS A 25 2.03 10.36 3.23
C HIS A 25 0.56 10.09 3.60
N CYS A 26 0.17 8.82 3.75
CA CYS A 26 -1.23 8.49 4.01
C CYS A 26 -1.73 8.99 5.38
N GLU A 27 -0.88 9.09 6.40
CA GLU A 27 -1.21 9.74 7.68
C GLU A 27 -1.57 11.22 7.51
N SER A 28 -0.91 11.91 6.57
CA SER A 28 -1.20 13.31 6.27
C SER A 28 -2.53 13.46 5.56
N LYS A 29 -2.92 12.39 4.85
CA LYS A 29 -4.26 12.19 4.25
C LYS A 29 -5.31 11.66 5.25
N LYS A 30 -4.90 11.34 6.49
CA LYS A 30 -5.65 10.68 7.57
C LYS A 30 -6.15 9.25 7.23
N GLN A 31 -5.52 8.64 6.22
CA GLN A 31 -5.62 7.25 5.78
C GLN A 31 -4.58 6.32 6.43
N VAL A 32 -4.82 5.01 6.31
CA VAL A 32 -3.97 3.97 6.91
C VAL A 32 -2.68 3.71 6.10
N GLY A 33 -2.82 3.63 4.78
CA GLY A 33 -1.71 3.41 3.85
C GLY A 33 -1.18 1.96 3.80
N LYS A 34 -1.18 1.37 2.60
CA LYS A 34 -0.52 0.10 2.26
C LYS A 34 -0.06 0.08 0.80
N CYS A 35 0.90 -0.77 0.43
CA CYS A 35 1.41 -0.83 -0.94
C CYS A 35 0.54 -1.67 -1.90
N GLU A 36 0.88 -1.62 -3.18
CA GLU A 36 0.35 -2.51 -4.25
C GLU A 36 1.47 -3.11 -5.12
N ASN A 37 2.65 -3.34 -4.52
CA ASN A 37 3.89 -3.86 -5.15
C ASN A 37 4.28 -3.14 -6.46
N PHE A 38 4.03 -1.83 -6.50
CA PHE A 38 4.18 -0.94 -7.66
C PHE A 38 4.20 0.54 -7.21
N ASP A 39 3.29 0.90 -6.29
CA ASP A 39 3.28 2.16 -5.56
C ASP A 39 2.52 2.01 -4.21
N CYS A 40 2.53 3.06 -3.42
CA CYS A 40 1.71 3.27 -2.22
C CYS A 40 0.21 3.44 -2.57
N SER A 41 -0.68 3.08 -1.64
CA SER A 41 -2.13 3.24 -1.75
C SER A 41 -2.77 3.64 -0.40
N CYS A 42 -3.41 4.81 -0.34
CA CYS A 42 -4.07 5.29 0.88
C CYS A 42 -5.51 4.81 0.98
N VAL A 43 -5.71 3.68 1.69
CA VAL A 43 -7.03 3.10 1.94
C VAL A 43 -7.72 3.87 3.09
N LYS A 44 -9.01 4.15 2.94
CA LYS A 44 -9.83 4.95 3.87
C LYS A 44 -11.00 4.19 4.52
N LEU A 45 -11.47 3.11 3.91
CA LEU A 45 -12.44 2.17 4.50
C LEU A 45 -11.82 1.24 5.56
N GLY A 46 -12.66 0.72 6.47
CA GLY A 46 -12.28 -0.27 7.48
C GLY A 46 -11.81 -1.61 6.88
N GLY A 47 -10.70 -2.14 7.39
CA GLY A 47 -10.11 -3.43 7.01
C GLY A 47 -10.20 -4.48 8.12
N LYS A 48 -9.91 -4.08 9.37
CA LYS A 48 -10.11 -4.85 10.60
C LYS A 48 -11.60 -4.87 10.95
N ILE A 1 12.08 -18.01 -16.76
CA ILE A 1 10.87 -17.81 -15.93
C ILE A 1 11.27 -17.55 -14.49
N ALA A 2 11.22 -16.30 -14.04
CA ALA A 2 11.54 -15.93 -12.66
C ALA A 2 10.56 -16.51 -11.61
N GLY A 3 9.35 -16.91 -12.04
CA GLY A 3 8.26 -17.41 -11.20
C GLY A 3 7.29 -16.31 -10.74
N VAL A 4 7.65 -15.04 -10.97
CA VAL A 4 6.91 -13.82 -10.70
C VAL A 4 7.17 -12.81 -11.83
N ALA A 5 6.22 -11.93 -12.07
CA ALA A 5 6.32 -10.78 -12.98
C ALA A 5 5.50 -9.55 -12.50
N ASP A 6 5.32 -9.46 -11.17
CA ASP A 6 4.57 -8.45 -10.42
C ASP A 6 3.04 -8.39 -10.69
N LEU A 7 2.29 -7.95 -9.68
CA LEU A 7 0.83 -7.76 -9.71
C LEU A 7 0.47 -6.41 -10.32
N ASN A 8 -0.76 -6.28 -10.84
CA ASN A 8 -1.30 -5.10 -11.48
C ASN A 8 -2.34 -4.34 -10.61
N ASN A 9 -2.66 -4.85 -9.42
CA ASN A 9 -3.55 -4.26 -8.42
C ASN A 9 -2.93 -4.32 -7.01
N MET A 10 -3.68 -3.93 -5.97
CA MET A 10 -3.30 -3.96 -4.55
C MET A 10 -3.22 -5.39 -3.96
N SER A 11 -2.15 -6.08 -4.33
CA SER A 11 -1.71 -7.37 -3.77
C SER A 11 -0.18 -7.45 -3.74
N GLU A 12 0.34 -8.44 -3.01
CA GLU A 12 1.77 -8.73 -2.75
C GLU A 12 2.51 -7.71 -1.87
N LEU A 13 3.43 -8.20 -1.03
CA LEU A 13 4.22 -7.44 -0.05
C LEU A 13 5.47 -6.80 -0.68
N GLY A 14 5.30 -6.18 -1.85
CA GLY A 14 6.38 -5.61 -2.66
C GLY A 14 6.79 -4.18 -2.28
N CYS A 15 6.60 -3.76 -1.02
CA CYS A 15 6.87 -2.40 -0.55
C CYS A 15 7.75 -2.29 0.73
N PRO A 16 8.63 -3.24 1.13
CA PRO A 16 9.28 -3.22 2.45
C PRO A 16 10.14 -1.97 2.76
N PHE A 17 10.82 -1.37 1.77
CA PHE A 17 11.52 -0.09 1.95
C PHE A 17 10.70 1.14 1.51
N ILE A 18 9.50 0.95 0.97
CA ILE A 18 8.63 2.02 0.44
C ILE A 18 7.49 2.35 1.42
N GLU A 19 6.97 1.36 2.15
CA GLU A 19 5.87 1.47 3.11
C GLU A 19 6.13 2.54 4.18
N LYS A 20 7.40 2.73 4.55
CA LYS A 20 7.88 3.79 5.46
C LYS A 20 7.52 5.21 5.00
N TRP A 21 7.70 5.53 3.72
CA TRP A 21 7.32 6.84 3.15
C TRP A 21 5.80 7.00 3.06
N CYS A 22 5.12 5.89 2.70
CA CYS A 22 3.67 5.84 2.56
C CYS A 22 2.94 6.05 3.88
N GLU A 23 3.44 5.48 4.98
CA GLU A 23 2.86 5.61 6.31
C GLU A 23 2.90 7.07 6.83
N ASP A 24 3.80 7.90 6.33
CA ASP A 24 3.91 9.35 6.59
C ASP A 24 3.07 10.23 5.63
N HIS A 25 2.98 9.83 4.34
CA HIS A 25 2.10 10.46 3.34
C HIS A 25 0.64 10.23 3.72
N CYS A 26 0.25 8.96 3.87
CA CYS A 26 -1.12 8.61 4.20
C CYS A 26 -1.50 9.20 5.56
N GLU A 27 -0.58 9.42 6.51
CA GLU A 27 -0.87 10.14 7.76
C GLU A 27 -1.30 11.62 7.54
N SER A 28 -0.75 12.31 6.54
CA SER A 28 -1.25 13.64 6.13
C SER A 28 -2.66 13.56 5.55
N LYS A 29 -2.99 12.41 4.95
CA LYS A 29 -4.32 11.99 4.48
C LYS A 29 -5.15 11.28 5.57
N LYS A 30 -4.67 11.23 6.83
CA LYS A 30 -5.21 10.48 7.99
C LYS A 30 -5.34 8.94 7.81
N GLN A 31 -4.96 8.40 6.65
CA GLN A 31 -4.98 6.99 6.28
C GLN A 31 -3.73 6.18 6.67
N VAL A 32 -3.86 4.85 6.67
CA VAL A 32 -2.80 3.86 6.97
C VAL A 32 -1.79 3.69 5.84
N GLY A 33 -2.23 3.43 4.60
CA GLY A 33 -1.38 3.17 3.43
C GLY A 33 -1.05 1.68 3.21
N LYS A 34 -1.79 1.04 2.29
CA LYS A 34 -1.60 -0.33 1.79
C LYS A 34 -0.58 -0.38 0.65
N CYS A 35 -0.10 -1.57 0.27
CA CYS A 35 0.90 -1.80 -0.78
C CYS A 35 0.26 -2.36 -2.05
N GLU A 36 0.68 -1.86 -3.21
CA GLU A 36 0.32 -2.39 -4.54
C GLU A 36 1.56 -2.74 -5.38
N ASN A 37 2.61 -3.23 -4.69
CA ASN A 37 3.87 -3.85 -5.18
C ASN A 37 4.76 -3.04 -6.15
N PHE A 38 4.38 -1.80 -6.46
CA PHE A 38 5.17 -0.81 -7.23
C PHE A 38 5.03 0.60 -6.65
N ASP A 39 3.97 0.85 -5.87
CA ASP A 39 3.77 2.00 -5.00
C ASP A 39 2.74 1.55 -3.93
N CYS A 40 2.26 2.49 -3.14
CA CYS A 40 1.23 2.32 -2.13
C CYS A 40 -0.15 2.82 -2.58
N SER A 41 -1.14 2.67 -1.69
CA SER A 41 -2.49 3.22 -1.82
C SER A 41 -3.11 3.49 -0.45
N CYS A 42 -3.45 4.74 -0.16
CA CYS A 42 -4.19 5.13 1.06
C CYS A 42 -5.66 4.77 0.83
N VAL A 43 -6.35 4.16 1.80
CA VAL A 43 -7.80 3.85 1.70
C VAL A 43 -8.57 4.11 3.00
N LYS A 44 -9.67 4.85 2.90
CA LYS A 44 -10.51 5.28 4.05
C LYS A 44 -11.80 4.46 4.24
N LEU A 45 -12.29 3.82 3.19
CA LEU A 45 -13.53 3.00 3.20
C LEU A 45 -13.39 1.78 4.13
N GLY A 46 -14.14 1.77 5.25
CA GLY A 46 -14.06 0.76 6.32
C GLY A 46 -14.81 -0.54 6.06
N GLY A 47 -15.70 -0.58 5.07
CA GLY A 47 -16.39 -1.80 4.63
C GLY A 47 -17.62 -2.20 5.46
N LYS A 48 -18.29 -1.24 6.10
CA LYS A 48 -19.50 -1.44 6.92
C LYS A 48 -20.80 -1.40 6.10
N ILE A 1 12.02 -9.55 -20.39
CA ILE A 1 11.34 -8.30 -19.96
C ILE A 1 11.01 -8.37 -18.47
N ALA A 2 11.42 -7.32 -17.73
CA ALA A 2 11.03 -7.06 -16.34
C ALA A 2 9.91 -5.99 -16.23
N GLY A 3 9.69 -5.19 -17.29
CA GLY A 3 8.71 -4.09 -17.35
C GLY A 3 7.25 -4.50 -17.49
N VAL A 4 6.82 -5.55 -16.78
CA VAL A 4 5.48 -6.12 -16.74
C VAL A 4 4.98 -6.15 -15.30
N ALA A 5 3.67 -6.00 -15.15
CA ALA A 5 2.96 -5.83 -13.89
C ALA A 5 1.61 -6.59 -13.91
N ASP A 6 1.67 -7.90 -14.12
CA ASP A 6 0.50 -8.80 -14.26
C ASP A 6 -0.28 -9.10 -12.96
N LEU A 7 0.14 -8.44 -11.90
CA LEU A 7 -0.41 -8.46 -10.55
C LEU A 7 -1.89 -8.06 -10.56
N ASN A 8 -2.71 -8.84 -9.85
CA ASN A 8 -4.13 -8.59 -9.64
C ASN A 8 -4.40 -7.77 -8.36
N ASN A 9 -3.66 -8.06 -7.28
CA ASN A 9 -3.88 -7.53 -5.93
C ASN A 9 -2.56 -7.15 -5.22
N MET A 10 -2.66 -6.45 -4.09
CA MET A 10 -1.61 -5.99 -3.16
C MET A 10 -0.57 -7.03 -2.68
N SER A 11 -0.66 -8.31 -3.02
CA SER A 11 0.16 -9.37 -2.41
C SER A 11 1.63 -9.37 -2.86
N GLU A 12 2.55 -9.20 -1.90
CA GLU A 12 4.01 -9.18 -2.08
C GLU A 12 4.73 -9.34 -0.72
N LEU A 13 5.80 -10.13 -0.65
CA LEU A 13 6.61 -10.35 0.57
C LEU A 13 7.54 -9.16 0.89
N GLY A 14 7.87 -8.34 -0.12
CA GLY A 14 8.66 -7.11 0.01
C GLY A 14 7.86 -5.85 0.42
N CYS A 15 6.53 -5.79 0.21
CA CYS A 15 5.71 -4.63 0.61
C CYS A 15 5.76 -4.28 2.12
N PRO A 16 5.93 -5.24 3.07
CA PRO A 16 6.20 -4.95 4.47
C PRO A 16 7.42 -4.04 4.75
N PHE A 17 8.37 -3.95 3.81
CA PHE A 17 9.50 -3.00 3.86
C PHE A 17 9.37 -1.84 2.86
N ILE A 18 8.13 -1.51 2.48
CA ILE A 18 7.75 -0.32 1.70
C ILE A 18 6.57 0.42 2.35
N GLU A 19 5.64 -0.29 3.02
CA GLU A 19 4.47 0.32 3.69
C GLU A 19 4.86 1.37 4.75
N LYS A 20 6.03 1.21 5.37
CA LYS A 20 6.66 2.19 6.25
C LYS A 20 6.85 3.58 5.61
N TRP A 21 7.19 3.63 4.33
CA TRP A 21 7.30 4.85 3.51
C TRP A 21 5.93 5.36 3.05
N CYS A 22 4.95 4.49 2.90
CA CYS A 22 3.56 4.86 2.56
C CYS A 22 2.87 5.57 3.72
N GLU A 23 3.11 5.13 4.96
CA GLU A 23 2.63 5.80 6.19
C GLU A 23 3.19 7.24 6.33
N ASP A 24 4.40 7.48 5.83
CA ASP A 24 5.08 8.78 5.83
C ASP A 24 4.31 9.84 4.99
N HIS A 25 3.39 9.38 4.14
CA HIS A 25 2.48 10.17 3.30
C HIS A 25 1.01 10.02 3.75
N CYS A 26 0.51 8.80 3.82
CA CYS A 26 -0.91 8.53 3.98
C CYS A 26 -1.53 8.99 5.33
N GLU A 27 -0.74 9.00 6.41
CA GLU A 27 -1.14 9.60 7.70
C GLU A 27 -1.34 11.12 7.60
N SER A 28 -0.60 11.83 6.74
CA SER A 28 -0.88 13.25 6.43
C SER A 28 -2.27 13.44 5.79
N LYS A 29 -2.74 12.41 5.07
CA LYS A 29 -4.09 12.30 4.50
C LYS A 29 -5.14 11.72 5.47
N LYS A 30 -4.72 11.25 6.65
CA LYS A 30 -5.49 10.47 7.65
C LYS A 30 -6.01 9.10 7.15
N GLN A 31 -5.30 8.50 6.20
CA GLN A 31 -5.54 7.15 5.63
C GLN A 31 -4.46 6.10 6.01
N VAL A 32 -4.77 4.83 5.75
CA VAL A 32 -3.97 3.66 6.22
C VAL A 32 -2.60 3.53 5.55
N GLY A 33 -2.50 3.80 4.23
CA GLY A 33 -1.24 3.70 3.48
C GLY A 33 -0.69 2.29 3.35
N LYS A 34 -1.48 1.37 2.80
CA LYS A 34 -1.09 0.00 2.44
C LYS A 34 -0.14 0.01 1.23
N CYS A 35 0.33 -1.16 0.77
CA CYS A 35 1.29 -1.26 -0.33
C CYS A 35 0.76 -2.25 -1.36
N GLU A 36 1.11 -1.98 -2.61
CA GLU A 36 0.62 -2.64 -3.81
C GLU A 36 1.68 -2.69 -4.91
N ASN A 37 2.82 -3.32 -4.56
CA ASN A 37 3.88 -3.82 -5.45
C ASN A 37 4.71 -2.79 -6.25
N PHE A 38 4.18 -1.59 -6.46
CA PHE A 38 4.69 -0.52 -7.34
C PHE A 38 4.19 0.86 -6.87
N ASP A 39 3.06 0.90 -6.15
CA ASP A 39 2.57 2.08 -5.45
C ASP A 39 2.11 1.72 -4.02
N CYS A 40 1.76 2.76 -3.29
CA CYS A 40 1.08 2.75 -2.00
C CYS A 40 -0.43 2.91 -2.21
N SER A 41 -1.26 2.24 -1.43
CA SER A 41 -2.73 2.36 -1.49
C SER A 41 -3.27 3.11 -0.27
N CYS A 42 -3.75 4.34 -0.48
CA CYS A 42 -4.39 5.14 0.56
C CYS A 42 -5.88 4.85 0.63
N VAL A 43 -6.22 3.79 1.37
CA VAL A 43 -7.61 3.37 1.62
C VAL A 43 -8.21 4.16 2.79
N LYS A 44 -9.47 4.59 2.64
CA LYS A 44 -10.24 5.36 3.62
C LYS A 44 -11.07 4.44 4.51
N LEU A 45 -11.76 3.47 3.91
CA LEU A 45 -12.62 2.48 4.60
C LEU A 45 -11.82 1.30 5.17
N GLY A 46 -12.27 0.71 6.29
CA GLY A 46 -11.62 -0.44 6.93
C GLY A 46 -12.30 -1.05 8.18
N GLY A 47 -13.17 -0.30 8.88
CA GLY A 47 -14.03 -0.81 9.96
C GLY A 47 -13.31 -1.46 11.16
N LYS A 48 -12.38 -0.75 11.81
CA LYS A 48 -11.65 -1.16 13.02
C LYS A 48 -12.51 -1.29 14.28
N ILE A 1 11.48 -10.90 -19.45
CA ILE A 1 12.73 -11.34 -18.77
C ILE A 1 12.82 -10.73 -17.37
N ALA A 2 13.17 -9.45 -17.21
CA ALA A 2 13.49 -8.86 -15.89
C ALA A 2 13.06 -7.39 -15.67
N GLY A 3 12.50 -6.72 -16.68
CA GLY A 3 12.26 -5.26 -16.64
C GLY A 3 11.14 -4.78 -15.71
N VAL A 4 10.31 -5.68 -15.19
CA VAL A 4 9.12 -5.41 -14.38
C VAL A 4 8.91 -6.54 -13.37
N ALA A 5 8.10 -6.22 -12.37
CA ALA A 5 7.52 -7.12 -11.36
C ALA A 5 6.17 -6.56 -10.86
N ASP A 6 5.33 -6.06 -11.77
CA ASP A 6 4.04 -5.40 -11.49
C ASP A 6 2.83 -6.34 -11.52
N LEU A 7 1.84 -6.06 -10.66
CA LEU A 7 0.62 -6.84 -10.42
C LEU A 7 -0.64 -6.00 -10.70
N ASN A 8 -1.74 -6.63 -11.15
CA ASN A 8 -2.97 -5.96 -11.58
C ASN A 8 -3.76 -5.30 -10.43
N ASN A 9 -3.49 -5.73 -9.20
CA ASN A 9 -4.08 -5.26 -7.96
C ASN A 9 -3.11 -5.39 -6.78
N MET A 10 -3.39 -4.67 -5.70
CA MET A 10 -2.72 -4.86 -4.41
C MET A 10 -2.88 -6.30 -3.90
N SER A 11 -1.78 -6.87 -3.43
CA SER A 11 -1.62 -8.29 -3.10
C SER A 11 -0.58 -8.51 -2.00
N GLU A 12 -0.57 -9.68 -1.34
CA GLU A 12 0.23 -10.00 -0.14
C GLU A 12 1.77 -10.00 -0.32
N LEU A 13 2.30 -9.58 -1.48
CA LEU A 13 3.73 -9.34 -1.67
C LEU A 13 4.16 -8.06 -0.90
N GLY A 14 5.42 -7.98 -0.46
CA GLY A 14 5.90 -6.88 0.38
C GLY A 14 6.22 -5.57 -0.35
N CYS A 15 6.28 -4.48 0.41
CA CYS A 15 6.79 -3.15 0.01
C CYS A 15 7.77 -2.57 1.07
N PRO A 16 8.75 -3.35 1.60
CA PRO A 16 9.55 -2.96 2.76
C PRO A 16 10.27 -1.61 2.67
N PHE A 17 10.87 -1.26 1.52
CA PHE A 17 11.55 0.03 1.30
C PHE A 17 10.69 1.06 0.54
N ILE A 18 9.37 0.90 0.59
CA ILE A 18 8.38 1.83 0.03
C ILE A 18 7.34 2.24 1.09
N GLU A 19 6.84 1.29 1.90
CA GLU A 19 5.79 1.47 2.90
C GLU A 19 6.13 2.52 3.98
N LYS A 20 7.41 2.59 4.34
CA LYS A 20 7.95 3.48 5.38
C LYS A 20 7.74 4.96 5.06
N TRP A 21 7.90 5.34 3.79
CA TRP A 21 7.63 6.69 3.28
C TRP A 21 6.13 6.96 3.22
N CYS A 22 5.34 5.95 2.88
CA CYS A 22 3.88 6.08 2.71
C CYS A 22 3.17 6.41 4.02
N GLU A 23 3.68 5.96 5.17
CA GLU A 23 3.12 6.31 6.48
C GLU A 23 3.24 7.81 6.81
N ASP A 24 4.29 8.47 6.29
CA ASP A 24 4.52 9.93 6.45
C ASP A 24 3.65 10.78 5.50
N HIS A 25 3.01 10.13 4.52
CA HIS A 25 2.04 10.71 3.57
C HIS A 25 0.61 10.38 4.00
N CYS A 26 0.24 9.10 4.00
CA CYS A 26 -1.13 8.65 4.18
C CYS A 26 -1.74 9.06 5.53
N GLU A 27 -0.98 9.10 6.62
CA GLU A 27 -1.51 9.59 7.91
C GLU A 27 -1.82 11.10 7.89
N SER A 28 -1.15 11.90 7.05
CA SER A 28 -1.55 13.30 6.81
C SER A 28 -2.85 13.39 6.03
N LYS A 29 -3.15 12.40 5.19
CA LYS A 29 -4.45 12.21 4.54
C LYS A 29 -5.48 11.54 5.46
N LYS A 30 -5.08 11.18 6.69
CA LYS A 30 -5.79 10.35 7.67
C LYS A 30 -6.33 9.05 7.02
N GLN A 31 -5.45 8.39 6.29
CA GLN A 31 -5.67 7.12 5.57
C GLN A 31 -4.57 6.10 5.88
N VAL A 32 -4.85 4.82 5.63
CA VAL A 32 -3.87 3.74 5.86
C VAL A 32 -3.18 3.32 4.55
N GLY A 33 -1.90 3.60 4.54
CA GLY A 33 -0.90 3.34 3.50
C GLY A 33 -0.59 1.86 3.23
N LYS A 34 -1.38 1.23 2.36
CA LYS A 34 -1.22 -0.12 1.82
C LYS A 34 -0.17 -0.22 0.69
N CYS A 35 0.05 -1.43 0.17
CA CYS A 35 1.11 -1.80 -0.76
C CYS A 35 0.50 -2.45 -2.00
N GLU A 36 0.66 -1.81 -3.16
CA GLU A 36 0.22 -2.33 -4.46
C GLU A 36 1.38 -2.92 -5.29
N ASN A 37 2.44 -3.34 -4.59
CA ASN A 37 3.56 -4.14 -5.12
C ASN A 37 4.39 -3.45 -6.23
N PHE A 38 4.24 -2.12 -6.35
CA PHE A 38 4.95 -1.22 -7.27
C PHE A 38 4.92 0.23 -6.76
N ASP A 39 3.82 0.59 -6.09
CA ASP A 39 3.55 1.85 -5.41
C ASP A 39 2.57 1.58 -4.24
N CYS A 40 2.32 2.57 -3.40
CA CYS A 40 1.35 2.52 -2.29
C CYS A 40 -0.08 2.90 -2.71
N SER A 41 -1.02 2.72 -1.79
CA SER A 41 -2.40 3.23 -1.86
C SER A 41 -2.93 3.52 -0.45
N CYS A 42 -3.34 4.76 -0.18
CA CYS A 42 -3.86 5.14 1.14
C CYS A 42 -5.37 4.85 1.24
N VAL A 43 -5.80 3.94 2.13
CA VAL A 43 -7.20 3.52 2.24
C VAL A 43 -8.04 4.36 3.21
N LYS A 44 -9.22 4.80 2.76
CA LYS A 44 -10.18 5.64 3.53
C LYS A 44 -11.01 4.83 4.52
N LEU A 45 -11.07 3.53 4.26
CA LEU A 45 -11.67 2.52 5.14
C LEU A 45 -10.96 2.39 6.51
N GLY A 46 -9.77 2.95 6.69
CA GLY A 46 -9.05 3.06 7.97
C GLY A 46 -8.82 4.51 8.42
N GLY A 47 -8.04 4.68 9.51
CA GLY A 47 -7.87 5.96 10.20
C GLY A 47 -8.92 6.18 11.29
N LYS A 48 -9.28 5.13 12.03
CA LYS A 48 -10.35 5.12 13.05
C LYS A 48 -10.01 5.96 14.27
N ILE A 1 5.07 -22.36 7.47
CA ILE A 1 4.45 -21.03 7.66
C ILE A 1 5.15 -20.02 6.74
N ALA A 2 4.39 -19.24 5.97
CA ALA A 2 4.88 -18.19 5.08
C ALA A 2 5.93 -18.63 4.03
N GLY A 3 6.03 -19.93 3.72
CA GLY A 3 7.06 -20.50 2.83
C GLY A 3 6.78 -20.38 1.33
N VAL A 4 5.55 -20.00 0.93
CA VAL A 4 5.07 -19.89 -0.44
C VAL A 4 4.09 -18.71 -0.54
N ALA A 5 4.25 -17.89 -1.57
CA ALA A 5 3.56 -16.61 -1.75
C ALA A 5 3.13 -16.34 -3.21
N ASP A 6 2.67 -17.37 -3.93
CA ASP A 6 2.21 -17.32 -5.34
C ASP A 6 0.92 -16.51 -5.60
N LEU A 7 0.42 -15.86 -4.56
CA LEU A 7 -0.71 -14.95 -4.54
C LEU A 7 -0.51 -13.74 -5.47
N ASN A 8 -1.59 -13.27 -6.08
CA ASN A 8 -1.63 -12.22 -7.08
C ASN A 8 -1.78 -10.79 -6.51
N ASN A 9 -2.07 -10.68 -5.21
CA ASN A 9 -2.49 -9.45 -4.52
C ASN A 9 -1.33 -8.57 -4.01
N MET A 10 -1.67 -7.36 -3.56
CA MET A 10 -0.82 -6.28 -3.00
C MET A 10 0.55 -6.73 -2.48
N SER A 11 0.60 -7.41 -1.33
CA SER A 11 1.82 -8.00 -0.78
C SER A 11 1.49 -9.00 0.33
N GLU A 12 1.93 -10.25 0.18
CA GLU A 12 1.69 -11.31 1.16
C GLU A 12 2.47 -11.10 2.48
N LEU A 13 3.63 -10.44 2.41
CA LEU A 13 4.40 -9.96 3.58
C LEU A 13 3.91 -8.59 4.11
N GLY A 14 3.03 -7.89 3.38
CA GLY A 14 2.55 -6.55 3.75
C GLY A 14 3.56 -5.42 3.53
N CYS A 15 4.41 -5.54 2.51
CA CYS A 15 5.31 -4.49 1.97
C CYS A 15 6.13 -3.69 3.03
N PRO A 16 6.83 -4.36 3.99
CA PRO A 16 7.45 -3.72 5.15
C PRO A 16 8.50 -2.63 4.84
N PHE A 17 9.27 -2.74 3.77
CA PHE A 17 10.28 -1.73 3.39
C PHE A 17 9.76 -0.64 2.43
N ILE A 18 8.46 -0.66 2.13
CA ILE A 18 7.77 0.37 1.33
C ILE A 18 6.75 1.14 2.19
N GLU A 19 6.08 0.47 3.13
CA GLU A 19 5.00 1.04 3.95
C GLU A 19 5.45 2.22 4.85
N LYS A 20 6.76 2.37 5.07
CA LYS A 20 7.42 3.47 5.77
C LYS A 20 7.46 4.79 4.99
N TRP A 21 7.47 4.71 3.65
CA TRP A 21 7.30 5.87 2.76
C TRP A 21 5.81 6.20 2.54
N CYS A 22 4.95 5.17 2.62
CA CYS A 22 3.49 5.34 2.47
C CYS A 22 2.83 5.88 3.74
N GLU A 23 3.18 5.40 4.94
CA GLU A 23 2.56 5.86 6.20
C GLU A 23 2.96 7.30 6.55
N ASP A 24 4.08 7.81 6.01
CA ASP A 24 4.49 9.22 6.15
C ASP A 24 3.67 10.17 5.26
N HIS A 25 3.04 9.62 4.21
CA HIS A 25 2.12 10.31 3.27
C HIS A 25 0.66 10.11 3.70
N CYS A 26 0.16 8.87 3.68
CA CYS A 26 -1.26 8.57 3.89
C CYS A 26 -1.76 9.04 5.26
N GLU A 27 -0.95 8.98 6.34
CA GLU A 27 -1.37 9.46 7.66
C GLU A 27 -1.60 10.99 7.68
N SER A 28 -0.82 11.76 6.90
CA SER A 28 -1.08 13.20 6.70
C SER A 28 -2.41 13.43 5.94
N LYS A 29 -2.76 12.51 5.02
CA LYS A 29 -4.07 12.45 4.36
C LYS A 29 -5.15 11.77 5.24
N LYS A 30 -4.87 11.47 6.51
CA LYS A 30 -5.71 10.70 7.47
C LYS A 30 -6.12 9.30 7.00
N GLN A 31 -5.55 8.81 5.91
CA GLN A 31 -5.67 7.42 5.43
C GLN A 31 -4.75 6.45 6.18
N VAL A 32 -5.08 5.15 6.09
CA VAL A 32 -4.40 4.05 6.82
C VAL A 32 -3.11 3.59 6.12
N GLY A 33 -3.11 3.48 4.79
CA GLY A 33 -1.94 3.10 4.01
C GLY A 33 -1.78 1.58 3.76
N LYS A 34 -1.39 1.26 2.53
CA LYS A 34 -1.14 -0.04 1.90
C LYS A 34 -0.15 0.16 0.74
N CYS A 35 0.41 -0.91 0.15
CA CYS A 35 1.36 -0.86 -0.95
C CYS A 35 1.33 -2.18 -1.74
N GLU A 36 1.59 -2.11 -3.05
CA GLU A 36 1.47 -3.25 -3.97
C GLU A 36 2.71 -3.54 -4.84
N ASN A 37 3.90 -3.13 -4.37
CA ASN A 37 5.18 -3.25 -5.07
C ASN A 37 5.21 -2.47 -6.40
N PHE A 38 4.47 -1.36 -6.48
CA PHE A 38 4.32 -0.54 -7.68
C PHE A 38 3.98 0.90 -7.30
N ASP A 39 2.98 1.08 -6.43
CA ASP A 39 2.70 2.37 -5.78
C ASP A 39 2.06 2.16 -4.39
N CYS A 40 2.06 3.21 -3.57
CA CYS A 40 1.30 3.26 -2.31
C CYS A 40 -0.20 3.36 -2.59
N SER A 41 -1.01 2.73 -1.73
CA SER A 41 -2.46 2.75 -1.73
C SER A 41 -2.99 3.31 -0.42
N CYS A 42 -3.45 4.56 -0.42
CA CYS A 42 -4.09 5.16 0.75
C CYS A 42 -5.56 4.74 0.86
N VAL A 43 -5.79 3.66 1.62
CA VAL A 43 -7.13 3.18 2.00
C VAL A 43 -7.67 4.05 3.14
N LYS A 44 -8.96 4.40 3.09
CA LYS A 44 -9.58 5.42 3.95
C LYS A 44 -10.20 4.78 5.18
N LEU A 45 -10.89 3.65 5.01
CA LEU A 45 -11.36 2.76 6.08
C LEU A 45 -10.22 1.88 6.58
N GLY A 46 -10.22 1.56 7.88
CA GLY A 46 -9.28 0.63 8.52
C GLY A 46 -8.75 1.12 9.88
N GLY A 47 -7.89 0.34 10.53
CA GLY A 47 -7.29 0.63 11.84
C GLY A 47 -8.24 0.49 13.04
N LYS A 48 -9.56 0.70 12.84
CA LYS A 48 -10.61 0.41 13.83
C LYS A 48 -10.75 -1.09 14.06
N ILE A 1 -9.14 -11.45 -5.78
CA ILE A 1 -8.67 -12.85 -5.73
C ILE A 1 -9.78 -13.77 -5.19
N ALA A 2 -9.57 -15.09 -5.16
CA ALA A 2 -10.64 -16.04 -4.84
C ALA A 2 -11.21 -15.88 -3.41
N GLY A 3 -10.37 -15.76 -2.38
CA GLY A 3 -10.82 -15.67 -0.98
C GLY A 3 -11.24 -14.27 -0.50
N VAL A 4 -10.74 -13.18 -1.12
CA VAL A 4 -11.07 -11.79 -0.82
C VAL A 4 -11.02 -10.94 -2.08
N ALA A 5 -11.81 -9.88 -2.11
CA ALA A 5 -11.97 -8.93 -3.21
C ALA A 5 -10.78 -7.95 -3.44
N ASP A 6 -9.61 -8.33 -2.92
CA ASP A 6 -8.31 -7.67 -3.17
C ASP A 6 -7.80 -7.97 -4.59
N LEU A 7 -7.15 -6.98 -5.21
CA LEU A 7 -6.44 -7.13 -6.49
C LEU A 7 -5.06 -7.79 -6.32
N ASN A 8 -4.52 -8.36 -7.41
CA ASN A 8 -3.29 -9.15 -7.44
C ASN A 8 -2.06 -8.41 -6.91
N ASN A 9 -1.98 -7.09 -7.14
CA ASN A 9 -0.90 -6.24 -6.63
C ASN A 9 -1.13 -5.79 -5.17
N MET A 10 -2.33 -5.31 -4.83
CA MET A 10 -2.66 -4.83 -3.48
C MET A 10 -2.90 -5.93 -2.43
N SER A 11 -2.97 -7.20 -2.84
CA SER A 11 -3.04 -8.37 -1.94
C SER A 11 -1.80 -8.48 -1.02
N GLU A 12 -1.97 -9.13 0.14
CA GLU A 12 -0.96 -9.26 1.21
C GLU A 12 0.34 -9.97 0.79
N LEU A 13 1.41 -9.71 1.56
CA LEU A 13 2.75 -10.32 1.48
C LEU A 13 3.50 -10.13 0.15
N GLY A 14 3.19 -9.06 -0.60
CA GLY A 14 3.89 -8.68 -1.84
C GLY A 14 4.81 -7.44 -1.73
N CYS A 15 4.77 -6.73 -0.60
CA CYS A 15 5.52 -5.49 -0.36
C CYS A 15 5.73 -5.20 1.14
N PRO A 16 6.37 -6.10 1.92
CA PRO A 16 6.46 -6.02 3.39
C PRO A 16 7.42 -4.94 3.94
N PHE A 17 7.75 -3.94 3.13
CA PHE A 17 8.62 -2.82 3.45
C PHE A 17 8.22 -1.50 2.76
N ILE A 18 7.06 -1.44 2.07
CA ILE A 18 6.63 -0.23 1.33
C ILE A 18 5.71 0.67 2.17
N GLU A 19 4.96 0.10 3.11
CA GLU A 19 3.94 0.75 3.93
C GLU A 19 4.52 1.86 4.83
N LYS A 20 5.81 1.77 5.16
CA LYS A 20 6.55 2.70 6.04
C LYS A 20 6.91 4.04 5.38
N TRP A 21 7.07 4.05 4.05
CA TRP A 21 7.20 5.26 3.23
C TRP A 21 5.82 5.86 2.91
N CYS A 22 4.85 4.97 2.68
CA CYS A 22 3.48 5.27 2.27
C CYS A 22 2.67 5.91 3.41
N GLU A 23 2.70 5.36 4.62
CA GLU A 23 2.05 5.97 5.79
C GLU A 23 2.69 7.32 6.20
N ASP A 24 3.94 7.60 5.81
CA ASP A 24 4.55 8.94 6.01
C ASP A 24 3.87 10.04 5.18
N HIS A 25 3.07 9.67 4.19
CA HIS A 25 2.18 10.54 3.42
C HIS A 25 0.73 10.28 3.79
N CYS A 26 0.25 9.02 3.75
CA CYS A 26 -1.16 8.72 3.97
C CYS A 26 -1.66 9.10 5.38
N GLU A 27 -0.80 9.21 6.39
CA GLU A 27 -1.27 9.69 7.71
C GLU A 27 -1.60 11.19 7.69
N SER A 28 -0.91 12.00 6.86
CA SER A 28 -1.27 13.40 6.58
C SER A 28 -2.64 13.54 5.90
N LYS A 29 -3.17 12.42 5.37
CA LYS A 29 -4.51 12.24 4.79
C LYS A 29 -5.48 11.51 5.73
N LYS A 30 -5.00 11.05 6.90
CA LYS A 30 -5.65 10.13 7.87
C LYS A 30 -6.17 8.84 7.22
N GLN A 31 -5.32 8.23 6.41
CA GLN A 31 -5.51 6.97 5.68
C GLN A 31 -4.48 5.90 6.08
N VAL A 32 -4.80 4.64 5.81
CA VAL A 32 -4.01 3.47 6.29
C VAL A 32 -2.67 3.31 5.58
N GLY A 33 -2.60 3.66 4.28
CA GLY A 33 -1.39 3.54 3.46
C GLY A 33 -1.01 2.10 3.10
N LYS A 34 -1.78 1.51 2.18
CA LYS A 34 -1.60 0.14 1.66
C LYS A 34 -0.62 0.14 0.49
N CYS A 35 0.30 -0.83 0.40
CA CYS A 35 1.14 -1.04 -0.76
C CYS A 35 0.48 -1.93 -1.82
N GLU A 36 0.83 -1.69 -3.09
CA GLU A 36 0.41 -2.48 -4.24
C GLU A 36 1.65 -2.92 -5.04
N ASN A 37 2.38 -3.88 -4.47
CA ASN A 37 3.67 -4.48 -4.88
C ASN A 37 4.88 -3.53 -4.93
N PHE A 38 4.71 -2.26 -5.27
CA PHE A 38 5.77 -1.24 -5.42
C PHE A 38 5.19 0.16 -5.25
N ASP A 39 3.97 0.36 -5.75
CA ASP A 39 3.15 1.54 -5.52
C ASP A 39 2.55 1.53 -4.12
N CYS A 40 2.02 2.70 -3.76
CA CYS A 40 1.27 3.04 -2.56
C CYS A 40 -0.18 3.40 -2.93
N SER A 41 -1.11 3.20 -1.99
CA SER A 41 -2.52 3.57 -2.10
C SER A 41 -3.09 3.91 -0.71
N CYS A 42 -3.41 5.18 -0.49
CA CYS A 42 -4.00 5.66 0.76
C CYS A 42 -5.48 5.24 0.90
N VAL A 43 -5.76 4.05 1.44
CA VAL A 43 -7.13 3.56 1.67
C VAL A 43 -7.74 4.16 2.93
N LYS A 44 -9.02 4.56 2.87
CA LYS A 44 -9.72 5.32 3.92
C LYS A 44 -10.37 4.41 4.97
N LEU A 45 -11.22 3.49 4.48
CA LEU A 45 -12.13 2.61 5.24
C LEU A 45 -13.19 3.35 6.07
N GLY A 46 -14.35 2.70 6.27
CA GLY A 46 -15.44 3.16 7.14
C GLY A 46 -16.85 2.94 6.58
N GLY A 47 -16.97 2.71 5.27
CA GLY A 47 -18.24 2.48 4.58
C GLY A 47 -18.74 1.03 4.67
N LYS A 48 -20.05 0.85 4.43
CA LYS A 48 -20.81 -0.41 4.50
C LYS A 48 -21.28 -0.90 3.13
N ILE A 1 -0.74 -16.82 -18.04
CA ILE A 1 -0.63 -15.60 -18.87
C ILE A 1 -1.99 -14.90 -18.92
N ALA A 2 -2.10 -13.73 -18.28
CA ALA A 2 -3.38 -13.06 -18.04
C ALA A 2 -3.98 -12.32 -19.24
N GLY A 3 -3.21 -11.47 -19.91
CA GLY A 3 -3.65 -10.66 -21.06
C GLY A 3 -4.70 -9.58 -20.74
N VAL A 4 -4.76 -9.06 -19.51
CA VAL A 4 -5.79 -8.14 -19.00
C VAL A 4 -5.21 -7.20 -17.95
N ALA A 5 -5.88 -6.08 -17.74
CA ALA A 5 -5.56 -5.03 -16.75
C ALA A 5 -6.04 -5.35 -15.30
N ASP A 6 -6.23 -6.63 -14.98
CA ASP A 6 -6.81 -7.14 -13.72
C ASP A 6 -5.88 -7.08 -12.49
N LEU A 7 -4.75 -6.41 -12.68
CA LEU A 7 -3.64 -6.27 -11.73
C LEU A 7 -4.12 -5.89 -10.33
N ASN A 8 -3.55 -6.56 -9.33
CA ASN A 8 -3.90 -6.55 -7.91
C ASN A 8 -2.60 -6.81 -7.12
N ASN A 9 -1.61 -5.95 -7.35
CA ASN A 9 -0.27 -6.02 -6.74
C ASN A 9 -0.31 -6.04 -5.20
N MET A 10 -1.27 -5.33 -4.58
CA MET A 10 -1.50 -5.29 -3.13
C MET A 10 -1.66 -6.70 -2.51
N SER A 11 -0.76 -7.04 -1.59
CA SER A 11 -0.81 -8.24 -0.73
C SER A 11 -0.29 -7.90 0.68
N GLU A 12 -0.75 -8.64 1.68
CA GLU A 12 -0.34 -8.44 3.08
C GLU A 12 1.15 -8.72 3.29
N LEU A 13 1.80 -7.96 4.18
CA LEU A 13 3.24 -8.01 4.47
C LEU A 13 4.14 -7.69 3.25
N GLY A 14 3.61 -6.99 2.25
CA GLY A 14 4.35 -6.50 1.06
C GLY A 14 5.39 -5.41 1.36
N CYS A 15 6.06 -4.94 0.29
CA CYS A 15 6.95 -3.76 0.24
C CYS A 15 7.92 -3.66 1.44
N PRO A 16 8.90 -4.59 1.57
CA PRO A 16 9.73 -4.77 2.76
C PRO A 16 10.45 -3.55 3.36
N PHE A 17 10.72 -2.49 2.60
CA PHE A 17 11.31 -1.24 3.12
C PHE A 17 10.53 0.04 2.74
N ILE A 18 9.47 -0.03 1.92
CA ILE A 18 8.78 1.14 1.36
C ILE A 18 7.43 1.41 2.06
N GLU A 19 6.88 0.38 2.72
CA GLU A 19 5.62 0.50 3.48
C GLU A 19 5.65 1.61 4.54
N LYS A 20 6.84 1.83 5.13
CA LYS A 20 7.11 2.84 6.15
C LYS A 20 6.99 4.28 5.65
N TRP A 21 7.24 4.52 4.37
CA TRP A 21 7.02 5.80 3.69
C TRP A 21 5.55 5.96 3.28
N CYS A 22 4.93 4.88 2.80
CA CYS A 22 3.52 4.84 2.39
C CYS A 22 2.56 5.18 3.56
N GLU A 23 2.82 4.62 4.74
CA GLU A 23 2.10 4.97 5.97
C GLU A 23 2.23 6.48 6.31
N ASP A 24 3.39 7.08 6.03
CA ASP A 24 3.68 8.50 6.32
C ASP A 24 3.06 9.47 5.30
N HIS A 25 2.84 9.00 4.06
CA HIS A 25 2.06 9.73 3.03
C HIS A 25 0.58 9.67 3.37
N CYS A 26 0.02 8.47 3.56
CA CYS A 26 -1.40 8.35 3.87
C CYS A 26 -1.76 9.01 5.22
N GLU A 27 -0.84 9.10 6.19
CA GLU A 27 -1.02 9.92 7.41
C GLU A 27 -1.19 11.43 7.12
N SER A 28 -0.58 11.94 6.05
CA SER A 28 -0.79 13.30 5.55
C SER A 28 -2.16 13.50 4.88
N LYS A 29 -2.81 12.40 4.46
CA LYS A 29 -4.20 12.35 3.94
C LYS A 29 -5.23 11.90 4.99
N LYS A 30 -4.75 11.50 6.16
CA LYS A 30 -5.45 10.82 7.27
C LYS A 30 -6.11 9.47 6.90
N GLN A 31 -5.49 8.77 5.95
CA GLN A 31 -5.75 7.38 5.56
C GLN A 31 -4.76 6.40 6.22
N VAL A 32 -5.12 5.11 6.21
CA VAL A 32 -4.34 4.03 6.87
C VAL A 32 -3.05 3.73 6.11
N GLY A 33 -3.15 3.60 4.78
CA GLY A 33 -2.04 3.25 3.88
C GLY A 33 -1.68 1.76 3.85
N LYS A 34 -1.53 1.23 2.64
CA LYS A 34 -0.96 -0.09 2.32
C LYS A 34 -0.31 -0.08 0.93
N CYS A 35 0.75 -0.84 0.74
CA CYS A 35 1.60 -0.76 -0.46
C CYS A 35 1.23 -1.81 -1.53
N GLU A 36 1.56 -1.51 -2.78
CA GLU A 36 1.22 -2.31 -3.96
C GLU A 36 2.36 -2.34 -4.99
N ASN A 37 3.55 -2.68 -4.49
CA ASN A 37 4.81 -3.04 -5.18
C ASN A 37 5.47 -1.96 -6.07
N PHE A 38 4.73 -0.95 -6.50
CA PHE A 38 5.12 0.08 -7.46
C PHE A 38 4.57 1.46 -7.06
N ASP A 39 3.53 1.48 -6.23
CA ASP A 39 3.04 2.66 -5.53
C ASP A 39 2.39 2.23 -4.20
N CYS A 40 2.01 3.22 -3.42
CA CYS A 40 1.19 3.15 -2.21
C CYS A 40 -0.31 3.24 -2.57
N SER A 41 -1.19 2.80 -1.67
CA SER A 41 -2.66 2.91 -1.76
C SER A 41 -3.26 3.34 -0.42
N CYS A 42 -3.92 4.49 -0.39
CA CYS A 42 -4.50 5.08 0.81
C CYS A 42 -5.96 4.66 1.01
N VAL A 43 -6.19 3.59 1.78
CA VAL A 43 -7.52 3.19 2.25
C VAL A 43 -7.94 4.07 3.44
N LYS A 44 -9.19 4.51 3.46
CA LYS A 44 -9.75 5.42 4.48
C LYS A 44 -10.45 4.68 5.63
N LEU A 45 -11.08 3.53 5.35
CA LEU A 45 -11.65 2.63 6.35
C LEU A 45 -10.56 1.81 7.05
N GLY A 46 -10.64 1.71 8.38
CA GLY A 46 -9.77 0.84 9.19
C GLY A 46 -10.38 0.52 10.55
N GLY A 47 -10.51 -0.78 10.88
CA GLY A 47 -11.05 -1.27 12.15
C GLY A 47 -12.56 -1.09 12.36
N LYS A 48 -13.28 -0.41 11.45
CA LYS A 48 -14.72 -0.13 11.55
C LYS A 48 -15.58 -1.27 11.03
N ILE A 1 6.81 -14.99 7.08
CA ILE A 1 5.98 -14.29 8.08
C ILE A 1 4.94 -13.46 7.33
N ALA A 2 3.66 -13.52 7.74
CA ALA A 2 2.52 -12.91 7.05
C ALA A 2 2.33 -13.37 5.57
N GLY A 3 2.84 -14.55 5.21
CA GLY A 3 2.85 -15.08 3.84
C GLY A 3 1.52 -15.58 3.29
N VAL A 4 0.45 -15.58 4.09
CA VAL A 4 -0.89 -16.07 3.68
C VAL A 4 -1.41 -15.33 2.45
N ALA A 5 -1.27 -14.00 2.40
CA ALA A 5 -1.78 -13.13 1.33
C ALA A 5 -3.30 -13.28 1.12
N ASP A 6 -4.09 -13.20 2.20
CA ASP A 6 -5.54 -13.47 2.17
C ASP A 6 -6.38 -12.42 1.44
N LEU A 7 -5.79 -11.25 1.27
CA LEU A 7 -6.36 -10.10 0.59
C LEU A 7 -6.02 -10.12 -0.91
N ASN A 8 -6.95 -9.64 -1.74
CA ASN A 8 -6.76 -9.59 -3.19
C ASN A 8 -5.74 -8.53 -3.62
N ASN A 9 -5.68 -7.41 -2.89
CA ASN A 9 -4.77 -6.29 -3.12
C ASN A 9 -3.90 -6.00 -1.89
N MET A 10 -2.77 -5.32 -2.13
CA MET A 10 -1.77 -4.90 -1.14
C MET A 10 -1.45 -6.01 -0.11
N SER A 11 -1.29 -7.24 -0.61
CA SER A 11 -1.21 -8.52 0.13
C SER A 11 0.14 -8.77 0.84
N GLU A 12 0.85 -7.71 1.27
CA GLU A 12 2.23 -7.73 1.76
C GLU A 12 3.27 -8.17 0.71
N LEU A 13 3.03 -7.82 -0.58
CA LEU A 13 4.01 -7.97 -1.66
C LEU A 13 5.26 -7.12 -1.37
N GLY A 14 6.45 -7.57 -1.75
CA GLY A 14 7.72 -6.99 -1.35
C GLY A 14 7.86 -5.48 -1.64
N CYS A 15 7.81 -4.67 -0.58
CA CYS A 15 7.99 -3.21 -0.61
C CYS A 15 8.74 -2.69 0.66
N PRO A 16 9.77 -3.41 1.18
CA PRO A 16 10.37 -3.17 2.48
C PRO A 16 10.95 -1.76 2.73
N PHE A 17 11.44 -1.06 1.70
CA PHE A 17 12.03 0.29 1.84
C PHE A 17 11.12 1.41 1.30
N ILE A 18 9.92 1.09 0.79
CA ILE A 18 8.95 2.09 0.28
C ILE A 18 7.65 2.13 1.12
N GLU A 19 7.30 1.04 1.79
CA GLU A 19 6.16 0.94 2.73
C GLU A 19 6.21 2.03 3.82
N LYS A 20 7.42 2.40 4.24
CA LYS A 20 7.73 3.44 5.23
C LYS A 20 7.23 4.83 4.81
N TRP A 21 7.52 5.25 3.58
CA TRP A 21 7.09 6.54 3.02
C TRP A 21 5.57 6.65 2.88
N CYS A 22 4.92 5.55 2.51
CA CYS A 22 3.48 5.50 2.30
C CYS A 22 2.70 5.54 3.64
N GLU A 23 3.21 4.89 4.68
CA GLU A 23 2.65 5.02 6.04
C GLU A 23 2.69 6.47 6.56
N ASP A 24 3.71 7.23 6.17
CA ASP A 24 3.91 8.64 6.54
C ASP A 24 3.02 9.61 5.73
N HIS A 25 2.87 9.40 4.41
CA HIS A 25 2.08 10.24 3.51
C HIS A 25 0.58 10.01 3.71
N CYS A 26 0.13 8.74 3.68
CA CYS A 26 -1.28 8.43 3.85
C CYS A 26 -1.79 8.92 5.22
N GLU A 27 -0.95 8.92 6.25
CA GLU A 27 -1.34 9.47 7.55
C GLU A 27 -1.50 11.00 7.54
N SER A 28 -0.72 11.72 6.71
CA SER A 28 -0.92 13.16 6.49
C SER A 28 -2.25 13.46 5.78
N LYS A 29 -2.73 12.47 5.01
CA LYS A 29 -4.04 12.37 4.35
C LYS A 29 -5.14 11.78 5.26
N LYS A 30 -4.86 11.54 6.55
CA LYS A 30 -5.73 10.85 7.54
C LYS A 30 -6.12 9.39 7.20
N GLN A 31 -5.64 8.87 6.07
CA GLN A 31 -5.71 7.48 5.61
C GLN A 31 -4.73 6.54 6.34
N VAL A 32 -4.92 5.23 6.20
CA VAL A 32 -4.06 4.20 6.85
C VAL A 32 -2.79 3.92 6.06
N GLY A 33 -2.90 3.68 4.75
CA GLY A 33 -1.78 3.42 3.83
C GLY A 33 -1.16 2.01 3.87
N LYS A 34 -1.09 1.35 2.72
CA LYS A 34 -0.33 0.11 2.44
C LYS A 34 0.29 0.14 1.04
N CYS A 35 1.36 -0.61 0.80
CA CYS A 35 2.04 -0.69 -0.49
C CYS A 35 1.54 -1.83 -1.41
N GLU A 36 1.63 -1.64 -2.73
CA GLU A 36 1.32 -2.65 -3.75
C GLU A 36 2.47 -2.87 -4.76
N ASN A 37 3.71 -2.98 -4.29
CA ASN A 37 4.95 -3.27 -5.03
C ASN A 37 5.41 -2.21 -6.07
N PHE A 38 4.50 -1.47 -6.70
CA PHE A 38 4.79 -0.54 -7.82
C PHE A 38 3.96 0.75 -7.70
N ASP A 39 3.19 0.84 -6.62
CA ASP A 39 2.39 1.96 -6.17
C ASP A 39 2.09 1.72 -4.67
N CYS A 40 1.33 2.62 -4.08
CA CYS A 40 0.79 2.57 -2.74
C CYS A 40 -0.70 2.94 -2.74
N SER A 41 -1.42 2.49 -1.72
CA SER A 41 -2.86 2.65 -1.55
C SER A 41 -3.17 3.28 -0.20
N CYS A 42 -3.55 4.55 -0.22
CA CYS A 42 -4.10 5.23 0.95
C CYS A 42 -5.58 4.84 1.11
N VAL A 43 -5.82 3.75 1.86
CA VAL A 43 -7.17 3.28 2.20
C VAL A 43 -7.79 4.18 3.28
N LYS A 44 -9.05 4.58 3.03
CA LYS A 44 -9.84 5.60 3.76
C LYS A 44 -11.10 5.02 4.42
N LEU A 45 -11.63 3.92 3.86
CA LEU A 45 -12.81 3.18 4.34
C LEU A 45 -14.05 4.10 4.46
N GLY A 46 -14.33 4.85 3.40
CA GLY A 46 -15.46 5.76 3.30
C GLY A 46 -15.31 7.07 4.08
N GLY A 47 -16.40 7.82 4.13
CA GLY A 47 -16.53 9.09 4.86
C GLY A 47 -17.75 9.14 5.77
N LYS A 48 -17.69 9.98 6.81
CA LYS A 48 -18.70 10.15 7.84
C LYS A 48 -19.76 11.20 7.51
N ILE A 1 -4.56 -24.32 -14.42
CA ILE A 1 -4.74 -22.86 -14.50
C ILE A 1 -5.93 -22.47 -13.62
N ALA A 2 -5.82 -21.34 -12.92
CA ALA A 2 -6.89 -20.71 -12.16
C ALA A 2 -7.50 -21.57 -11.02
N GLY A 3 -6.70 -22.44 -10.40
CA GLY A 3 -7.08 -23.14 -9.16
C GLY A 3 -7.04 -22.16 -7.98
N VAL A 4 -5.86 -21.60 -7.72
CA VAL A 4 -5.61 -20.52 -6.73
C VAL A 4 -5.68 -19.14 -7.40
N ALA A 5 -5.18 -19.03 -8.64
CA ALA A 5 -5.09 -17.83 -9.48
C ALA A 5 -4.30 -16.63 -8.91
N ASP A 6 -3.44 -16.87 -7.91
CA ASP A 6 -2.82 -15.80 -7.11
C ASP A 6 -1.85 -14.88 -7.88
N LEU A 7 -1.79 -13.62 -7.44
CA LEU A 7 -0.80 -12.60 -7.80
C LEU A 7 0.05 -12.27 -6.57
N ASN A 8 1.31 -11.89 -6.77
CA ASN A 8 2.19 -11.41 -5.71
C ASN A 8 1.95 -9.92 -5.39
N ASN A 9 1.81 -9.08 -6.42
CA ASN A 9 1.57 -7.64 -6.23
C ASN A 9 0.18 -7.31 -5.65
N MET A 10 0.10 -6.19 -4.95
CA MET A 10 -1.03 -5.75 -4.11
C MET A 10 -1.57 -6.85 -3.14
N SER A 11 -0.68 -7.71 -2.63
CA SER A 11 -1.00 -8.81 -1.70
C SER A 11 0.18 -9.26 -0.82
N GLU A 12 1.36 -9.48 -1.41
CA GLU A 12 2.57 -9.92 -0.69
C GLU A 12 3.55 -8.76 -0.43
N LEU A 13 4.37 -8.88 0.61
CA LEU A 13 5.23 -7.78 1.08
C LEU A 13 6.52 -7.63 0.27
N GLY A 14 6.41 -7.14 -0.97
CA GLY A 14 7.55 -6.71 -1.79
C GLY A 14 8.05 -5.30 -1.47
N CYS A 15 7.37 -4.60 -0.57
CA CYS A 15 7.60 -3.20 -0.17
C CYS A 15 7.97 -2.98 1.33
N PRO A 16 8.72 -3.89 2.02
CA PRO A 16 8.89 -3.85 3.47
C PRO A 16 9.59 -2.60 4.04
N PHE A 17 10.55 -2.00 3.32
CA PHE A 17 11.17 -0.73 3.73
C PHE A 17 10.54 0.49 3.05
N ILE A 18 9.53 0.30 2.20
CA ILE A 18 8.83 1.37 1.47
C ILE A 18 7.45 1.68 2.08
N GLU A 19 6.88 0.74 2.82
CA GLU A 19 5.60 0.89 3.54
C GLU A 19 5.62 2.08 4.51
N LYS A 20 6.78 2.38 5.10
CA LYS A 20 7.02 3.53 5.99
C LYS A 20 6.93 4.89 5.30
N TRP A 21 7.33 4.99 4.03
CA TRP A 21 7.16 6.19 3.20
C TRP A 21 5.71 6.34 2.70
N CYS A 22 4.98 5.24 2.56
CA CYS A 22 3.54 5.24 2.28
C CYS A 22 2.73 5.65 3.51
N GLU A 23 3.04 5.09 4.67
CA GLU A 23 2.42 5.38 5.96
C GLU A 23 2.68 6.83 6.44
N ASP A 24 3.74 7.49 5.98
CA ASP A 24 3.99 8.92 6.27
C ASP A 24 3.11 9.86 5.42
N HIS A 25 2.80 9.45 4.19
CA HIS A 25 1.94 10.19 3.26
C HIS A 25 0.46 9.95 3.59
N CYS A 26 0.02 8.69 3.67
CA CYS A 26 -1.36 8.38 3.96
C CYS A 26 -1.79 8.87 5.35
N GLU A 27 -0.92 8.88 6.38
CA GLU A 27 -1.26 9.47 7.69
C GLU A 27 -1.49 10.99 7.59
N SER A 28 -0.73 11.70 6.74
CA SER A 28 -0.92 13.14 6.50
C SER A 28 -2.25 13.39 5.79
N LYS A 29 -2.70 12.41 5.00
CA LYS A 29 -4.02 12.32 4.35
C LYS A 29 -5.12 11.71 5.24
N LYS A 30 -4.83 11.41 6.51
CA LYS A 30 -5.73 10.75 7.50
C LYS A 30 -6.18 9.32 7.12
N GLN A 31 -5.57 8.72 6.10
CA GLN A 31 -5.74 7.33 5.65
C GLN A 31 -4.78 6.36 6.33
N VAL A 32 -5.07 5.05 6.24
CA VAL A 32 -4.28 3.98 6.93
C VAL A 32 -3.06 3.52 6.12
N GLY A 33 -3.19 3.44 4.78
CA GLY A 33 -2.11 3.10 3.85
C GLY A 33 -1.87 1.59 3.62
N LYS A 34 -1.46 1.25 2.39
CA LYS A 34 -0.98 -0.06 1.91
C LYS A 34 -0.05 0.11 0.70
N CYS A 35 0.83 -0.84 0.39
CA CYS A 35 1.81 -0.77 -0.69
C CYS A 35 1.68 -1.98 -1.62
N GLU A 36 1.70 -1.70 -2.92
CA GLU A 36 1.32 -2.65 -3.98
C GLU A 36 2.49 -3.28 -4.76
N ASN A 37 3.71 -3.17 -4.24
CA ASN A 37 4.97 -3.59 -4.88
C ASN A 37 5.25 -2.83 -6.21
N PHE A 38 4.70 -1.62 -6.32
CA PHE A 38 4.69 -0.78 -7.51
C PHE A 38 4.33 0.67 -7.17
N ASP A 39 3.31 0.87 -6.33
CA ASP A 39 2.89 2.16 -5.80
C ASP A 39 2.16 1.99 -4.44
N CYS A 40 2.16 3.04 -3.63
CA CYS A 40 1.36 3.17 -2.41
C CYS A 40 -0.12 3.44 -2.76
N SER A 41 -1.03 3.06 -1.86
CA SER A 41 -2.46 3.34 -1.96
C SER A 41 -3.03 3.68 -0.58
N CYS A 42 -3.78 4.78 -0.49
CA CYS A 42 -4.37 5.25 0.75
C CYS A 42 -5.83 4.80 0.85
N VAL A 43 -6.18 4.18 1.98
CA VAL A 43 -7.54 3.71 2.30
C VAL A 43 -8.15 4.50 3.47
N LYS A 44 -9.39 4.95 3.29
CA LYS A 44 -10.21 5.73 4.24
C LYS A 44 -11.25 4.88 5.01
N LEU A 45 -11.45 3.65 4.53
CA LEU A 45 -12.39 2.62 4.99
C LEU A 45 -13.88 3.00 4.83
N GLY A 46 -14.71 2.01 4.53
CA GLY A 46 -16.13 2.20 4.19
C GLY A 46 -16.36 2.74 2.77
N GLY A 47 -17.63 2.83 2.37
CA GLY A 47 -18.06 3.22 1.03
C GLY A 47 -17.97 2.09 0.00
N LYS A 48 -18.25 2.41 -1.28
CA LYS A 48 -18.20 1.47 -2.42
C LYS A 48 -16.81 0.86 -2.63
N ILE A 1 8.79 -15.28 -5.82
CA ILE A 1 9.69 -14.57 -6.74
C ILE A 1 9.55 -15.17 -8.15
N ALA A 2 9.22 -14.33 -9.13
CA ALA A 2 8.89 -14.68 -10.51
C ALA A 2 7.69 -15.66 -10.69
N GLY A 3 6.85 -15.86 -9.67
CA GLY A 3 5.69 -16.76 -9.69
C GLY A 3 4.47 -16.19 -10.44
N VAL A 4 4.43 -14.88 -10.72
CA VAL A 4 3.39 -14.19 -11.47
C VAL A 4 4.02 -13.17 -12.43
N ALA A 5 3.34 -12.98 -13.55
CA ALA A 5 3.67 -12.05 -14.64
C ALA A 5 2.67 -10.90 -14.79
N ASP A 6 1.92 -10.62 -13.74
CA ASP A 6 1.02 -9.46 -13.59
C ASP A 6 1.68 -8.33 -12.79
N LEU A 7 1.16 -7.11 -12.93
CA LEU A 7 1.75 -5.87 -12.45
C LEU A 7 0.90 -5.19 -11.36
N ASN A 8 1.58 -4.57 -10.39
CA ASN A 8 1.04 -3.67 -9.38
C ASN A 8 -0.13 -4.31 -8.55
N ASN A 9 -0.01 -5.61 -8.29
CA ASN A 9 -0.88 -6.38 -7.40
C ASN A 9 -0.67 -6.04 -5.90
N MET A 10 -1.69 -6.23 -5.06
CA MET A 10 -1.74 -5.74 -3.67
C MET A 10 -1.36 -6.70 -2.52
N SER A 11 -1.45 -8.01 -2.68
CA SER A 11 -1.15 -9.01 -1.61
C SER A 11 -0.30 -10.20 -2.07
N GLU A 12 -0.32 -10.52 -3.37
CA GLU A 12 0.44 -11.61 -3.98
C GLU A 12 1.97 -11.40 -3.97
N LEU A 13 2.40 -10.14 -3.72
CA LEU A 13 3.78 -9.64 -3.69
C LEU A 13 3.98 -8.60 -2.56
N GLY A 14 5.22 -8.47 -2.07
CA GLY A 14 5.60 -7.54 -1.00
C GLY A 14 5.87 -6.10 -1.46
N CYS A 15 6.01 -5.17 -0.52
CA CYS A 15 6.34 -3.76 -0.80
C CYS A 15 7.22 -3.07 0.28
N PRO A 16 8.29 -3.73 0.80
CA PRO A 16 9.10 -3.24 1.91
C PRO A 16 9.79 -1.89 1.63
N PHE A 17 10.18 -1.61 0.38
CA PHE A 17 10.83 -0.34 0.00
C PHE A 17 9.84 0.80 -0.28
N ILE A 18 8.53 0.55 -0.14
CA ILE A 18 7.44 1.50 -0.41
C ILE A 18 6.65 1.86 0.86
N GLU A 19 6.39 0.90 1.76
CA GLU A 19 5.54 1.08 2.95
C GLU A 19 5.99 2.25 3.87
N LYS A 20 7.30 2.51 3.89
CA LYS A 20 7.99 3.68 4.48
C LYS A 20 7.24 4.99 4.16
N TRP A 21 7.03 5.21 2.86
CA TRP A 21 6.41 6.41 2.31
C TRP A 21 4.91 6.41 2.55
N CYS A 22 4.31 5.22 2.62
CA CYS A 22 2.86 5.10 2.81
C CYS A 22 2.42 5.49 4.24
N GLU A 23 3.15 5.03 5.27
CA GLU A 23 2.92 5.44 6.66
C GLU A 23 3.31 6.90 6.94
N ASP A 24 4.00 7.57 6.01
CA ASP A 24 4.26 9.02 6.01
C ASP A 24 3.14 9.83 5.33
N HIS A 25 2.90 9.59 4.04
CA HIS A 25 2.03 10.40 3.17
C HIS A 25 0.55 10.09 3.41
N CYS A 26 0.15 8.82 3.39
CA CYS A 26 -1.25 8.47 3.64
C CYS A 26 -1.68 8.93 5.04
N GLU A 27 -0.78 8.89 6.03
CA GLU A 27 -1.09 9.32 7.40
C GLU A 27 -1.29 10.85 7.54
N SER A 28 -0.71 11.65 6.62
CA SER A 28 -0.98 13.10 6.52
C SER A 28 -2.34 13.33 5.84
N LYS A 29 -2.69 12.42 4.92
CA LYS A 29 -3.98 12.28 4.26
C LYS A 29 -5.08 11.63 5.15
N LYS A 30 -4.73 11.29 6.39
CA LYS A 30 -5.53 10.50 7.36
C LYS A 30 -5.87 9.05 6.95
N GLN A 31 -5.36 8.58 5.81
CA GLN A 31 -5.49 7.21 5.31
C GLN A 31 -4.46 6.22 5.90
N VAL A 32 -4.76 4.92 5.85
CA VAL A 32 -3.95 3.86 6.52
C VAL A 32 -2.55 3.67 5.92
N GLY A 33 -2.44 3.61 4.59
CA GLY A 33 -1.17 3.45 3.88
C GLY A 33 -0.64 2.02 3.72
N LYS A 34 -1.37 1.20 2.96
CA LYS A 34 -0.91 -0.09 2.43
C LYS A 34 -0.04 0.13 1.18
N CYS A 35 0.43 -0.92 0.51
CA CYS A 35 1.07 -0.80 -0.80
C CYS A 35 0.87 -2.02 -1.71
N GLU A 36 1.03 -1.78 -3.02
CA GLU A 36 0.72 -2.71 -4.11
C GLU A 36 1.94 -2.90 -5.03
N ASN A 37 3.08 -3.24 -4.39
CA ASN A 37 4.41 -3.56 -4.95
C ASN A 37 5.04 -2.58 -5.95
N PHE A 38 4.48 -1.39 -6.13
CA PHE A 38 4.85 -0.40 -7.15
C PHE A 38 4.59 1.02 -6.64
N ASP A 39 3.46 1.19 -5.94
CA ASP A 39 3.03 2.40 -5.24
C ASP A 39 2.23 2.04 -3.98
N CYS A 40 1.94 3.04 -3.17
CA CYS A 40 1.05 2.98 -2.01
C CYS A 40 -0.43 2.76 -2.38
N SER A 41 -1.22 2.39 -1.37
CA SER A 41 -2.68 2.32 -1.37
C SER A 41 -3.20 2.98 -0.10
N CYS A 42 -3.58 4.24 -0.22
CA CYS A 42 -4.15 5.02 0.86
C CYS A 42 -5.65 4.65 1.06
N VAL A 43 -5.93 3.51 1.68
CA VAL A 43 -7.32 3.10 2.03
C VAL A 43 -7.90 4.02 3.11
N LYS A 44 -9.17 4.42 2.91
CA LYS A 44 -9.87 5.48 3.65
C LYS A 44 -10.73 4.98 4.81
N LEU A 45 -11.54 3.94 4.56
CA LEU A 45 -12.59 3.47 5.48
C LEU A 45 -12.98 2.01 5.20
N GLY A 46 -13.15 1.20 6.24
CA GLY A 46 -13.73 -0.14 6.19
C GLY A 46 -12.71 -1.22 5.85
N GLY A 47 -13.12 -2.23 5.09
CA GLY A 47 -12.25 -3.36 4.72
C GLY A 47 -12.70 -4.20 3.53
N LYS A 48 -13.49 -3.64 2.60
CA LYS A 48 -13.88 -4.29 1.34
C LYS A 48 -12.76 -4.28 0.31
N ILE A 1 -2.65 -10.75 -13.86
CA ILE A 1 -3.20 -11.29 -15.14
C ILE A 1 -4.69 -10.96 -15.20
N ALA A 2 -5.15 -10.34 -16.30
CA ALA A 2 -6.48 -9.75 -16.44
C ALA A 2 -7.65 -10.75 -16.44
N GLY A 3 -7.39 -12.04 -16.66
CA GLY A 3 -8.38 -13.13 -16.62
C GLY A 3 -8.70 -13.67 -15.22
N VAL A 4 -8.10 -13.16 -14.14
CA VAL A 4 -8.16 -13.75 -12.79
C VAL A 4 -8.12 -12.68 -11.70
N ALA A 5 -8.64 -13.07 -10.54
CA ALA A 5 -8.53 -12.37 -9.26
C ALA A 5 -7.38 -12.92 -8.37
N ASP A 6 -6.34 -13.45 -9.01
CA ASP A 6 -5.25 -14.21 -8.38
C ASP A 6 -3.97 -13.41 -8.07
N LEU A 7 -4.05 -12.11 -8.31
CA LEU A 7 -2.97 -11.13 -8.14
C LEU A 7 -2.39 -11.10 -6.72
N ASN A 8 -1.10 -10.76 -6.61
CA ASN A 8 -0.30 -10.91 -5.39
C ASN A 8 0.50 -9.66 -4.98
N ASN A 9 0.51 -8.60 -5.80
CA ASN A 9 1.40 -7.43 -5.68
C ASN A 9 1.38 -6.72 -4.31
N MET A 10 0.25 -6.76 -3.59
CA MET A 10 0.09 -6.21 -2.23
C MET A 10 0.64 -7.08 -1.07
N SER A 11 1.21 -8.25 -1.36
CA SER A 11 1.76 -9.18 -0.35
C SER A 11 3.06 -8.65 0.27
N GLU A 12 3.59 -9.34 1.27
CA GLU A 12 4.73 -8.92 2.10
C GLU A 12 6.12 -8.86 1.42
N LEU A 13 6.26 -9.30 0.16
CA LEU A 13 7.51 -9.21 -0.61
C LEU A 13 7.68 -7.83 -1.28
N GLY A 14 8.92 -7.36 -1.39
CA GLY A 14 9.34 -6.18 -2.17
C GLY A 14 8.97 -4.80 -1.61
N CYS A 15 7.90 -4.70 -0.80
CA CYS A 15 7.50 -3.51 -0.06
C CYS A 15 8.14 -3.24 1.34
N PRO A 16 8.92 -4.12 2.02
CA PRO A 16 9.39 -3.87 3.40
C PRO A 16 10.14 -2.56 3.65
N PHE A 17 10.85 -2.00 2.65
CA PHE A 17 11.57 -0.73 2.73
C PHE A 17 10.92 0.41 1.95
N ILE A 18 9.63 0.25 1.60
CA ILE A 18 8.78 1.26 0.95
C ILE A 18 7.51 1.54 1.77
N GLU A 19 6.95 0.52 2.44
CA GLU A 19 5.73 0.64 3.27
C GLU A 19 5.86 1.67 4.40
N LYS A 20 7.10 1.89 4.86
CA LYS A 20 7.51 2.92 5.81
C LYS A 20 7.24 4.36 5.33
N TRP A 21 7.41 4.61 4.04
CA TRP A 21 7.09 5.91 3.42
C TRP A 21 5.59 6.05 3.18
N CYS A 22 4.90 4.97 2.80
CA CYS A 22 3.44 4.96 2.63
C CYS A 22 2.72 5.30 3.95
N GLU A 23 3.24 4.82 5.08
CA GLU A 23 2.72 5.09 6.42
C GLU A 23 2.72 6.59 6.77
N ASP A 24 3.67 7.36 6.25
CA ASP A 24 3.85 8.81 6.46
C ASP A 24 3.14 9.68 5.40
N HIS A 25 3.03 9.17 4.17
CA HIS A 25 2.25 9.80 3.09
C HIS A 25 0.76 9.71 3.38
N CYS A 26 0.23 8.49 3.50
CA CYS A 26 -1.20 8.29 3.71
C CYS A 26 -1.67 8.90 5.05
N GLU A 27 -0.79 8.99 6.06
CA GLU A 27 -1.06 9.72 7.31
C GLU A 27 -1.38 11.21 7.08
N SER A 28 -0.65 11.89 6.19
CA SER A 28 -0.91 13.29 5.83
C SER A 28 -2.26 13.47 5.12
N LYS A 29 -2.66 12.42 4.39
CA LYS A 29 -3.92 12.28 3.67
C LYS A 29 -5.10 11.84 4.55
N LYS A 30 -4.86 11.59 5.85
CA LYS A 30 -5.81 11.02 6.83
C LYS A 30 -6.32 9.60 6.45
N GLN A 31 -5.50 8.85 5.73
CA GLN A 31 -5.66 7.43 5.38
C GLN A 31 -4.72 6.53 6.21
N VAL A 32 -4.93 5.22 6.15
CA VAL A 32 -4.10 4.22 6.87
C VAL A 32 -2.83 3.89 6.08
N GLY A 33 -2.99 3.60 4.78
CA GLY A 33 -1.91 3.26 3.85
C GLY A 33 -1.47 1.79 3.82
N LYS A 34 -1.24 1.29 2.60
CA LYS A 34 -0.62 0.00 2.23
C LYS A 34 0.31 0.21 1.03
N CYS A 35 1.36 -0.59 0.88
CA CYS A 35 2.25 -0.63 -0.28
C CYS A 35 1.88 -1.81 -1.21
N GLU A 36 2.03 -1.66 -2.53
CA GLU A 36 1.62 -2.69 -3.52
C GLU A 36 2.62 -2.85 -4.69
N ASN A 37 3.91 -2.65 -4.44
CA ASN A 37 5.00 -2.85 -5.40
C ASN A 37 4.93 -1.98 -6.66
N PHE A 38 4.26 -0.82 -6.59
CA PHE A 38 4.26 0.23 -7.61
C PHE A 38 3.77 1.57 -7.05
N ASP A 39 2.70 1.54 -6.23
CA ASP A 39 2.14 2.71 -5.57
C ASP A 39 1.58 2.42 -4.16
N CYS A 40 1.72 3.41 -3.27
CA CYS A 40 1.07 3.42 -1.97
C CYS A 40 -0.45 3.56 -2.14
N SER A 41 -1.20 2.50 -1.82
CA SER A 41 -2.66 2.47 -1.72
C SER A 41 -3.12 3.07 -0.40
N CYS A 42 -3.60 4.32 -0.44
CA CYS A 42 -4.16 4.99 0.72
C CYS A 42 -5.64 4.64 0.90
N VAL A 43 -5.90 3.56 1.63
CA VAL A 43 -7.25 3.15 2.05
C VAL A 43 -7.68 3.98 3.26
N LYS A 44 -8.98 4.29 3.33
CA LYS A 44 -9.57 5.25 4.27
C LYS A 44 -10.04 4.58 5.56
N LEU A 45 -10.53 3.34 5.46
CA LEU A 45 -10.94 2.50 6.58
C LEU A 45 -9.79 1.61 7.10
N GLY A 46 -9.93 1.16 8.34
CA GLY A 46 -9.08 0.12 8.95
C GLY A 46 -9.27 -1.26 8.31
N GLY A 47 -8.46 -2.22 8.74
CA GLY A 47 -8.39 -3.56 8.16
C GLY A 47 -7.58 -3.64 6.87
N LYS A 48 -7.06 -4.82 6.56
CA LYS A 48 -6.26 -5.11 5.36
C LYS A 48 -7.11 -5.32 4.13
N ILE A 1 7.67 -5.59 -24.51
CA ILE A 1 7.86 -5.79 -23.04
C ILE A 1 8.97 -4.87 -22.56
N ALA A 2 8.70 -4.01 -21.57
CA ALA A 2 9.68 -3.02 -21.07
C ALA A 2 10.93 -3.66 -20.43
N GLY A 3 10.81 -4.88 -19.89
CA GLY A 3 11.89 -5.60 -19.19
C GLY A 3 11.98 -5.27 -17.70
N VAL A 4 11.01 -4.53 -17.16
CA VAL A 4 10.97 -4.09 -15.76
C VAL A 4 10.61 -5.23 -14.81
N ALA A 5 9.94 -6.28 -15.31
CA ALA A 5 9.53 -7.49 -14.58
C ALA A 5 8.77 -7.19 -13.27
N ASP A 6 7.96 -6.12 -13.25
CA ASP A 6 7.18 -5.70 -12.09
C ASP A 6 5.80 -6.38 -12.01
N LEU A 7 5.30 -6.51 -10.78
CA LEU A 7 3.93 -6.90 -10.45
C LEU A 7 3.06 -5.64 -10.25
N ASN A 8 1.75 -5.76 -10.44
CA ASN A 8 0.82 -4.64 -10.30
C ASN A 8 0.38 -4.41 -8.84
N ASN A 9 0.23 -5.48 -8.04
CA ASN A 9 -0.42 -5.46 -6.72
C ASN A 9 0.56 -5.51 -5.51
N MET A 10 -0.01 -5.62 -4.31
CA MET A 10 0.65 -5.71 -3.00
C MET A 10 1.35 -7.07 -2.77
N SER A 11 2.52 -7.06 -2.10
CA SER A 11 3.31 -8.24 -1.72
C SER A 11 4.29 -7.92 -0.58
N GLU A 12 4.57 -8.88 0.31
CA GLU A 12 5.46 -8.68 1.47
C GLU A 12 6.94 -8.52 1.08
N LEU A 13 7.43 -9.25 0.06
CA LEU A 13 8.76 -9.06 -0.52
C LEU A 13 8.78 -8.04 -1.67
N GLY A 14 7.60 -7.57 -2.12
CA GLY A 14 7.45 -6.53 -3.13
C GLY A 14 7.61 -5.10 -2.58
N CYS A 15 6.96 -4.77 -1.47
CA CYS A 15 7.02 -3.42 -0.87
C CYS A 15 8.19 -3.02 0.08
N PRO A 16 9.26 -3.80 0.38
CA PRO A 16 10.21 -3.47 1.44
C PRO A 16 10.77 -2.04 1.50
N PHE A 17 11.11 -1.38 0.38
CA PHE A 17 11.58 0.00 0.43
C PHE A 17 10.46 1.04 0.23
N ILE A 18 9.27 0.61 -0.17
CA ILE A 18 8.12 1.48 -0.50
C ILE A 18 7.15 1.62 0.67
N GLU A 19 6.96 0.57 1.48
CA GLU A 19 5.95 0.51 2.55
C GLU A 19 6.13 1.64 3.58
N LYS A 20 7.38 2.03 3.80
CA LYS A 20 7.78 3.11 4.71
C LYS A 20 7.26 4.49 4.31
N TRP A 21 7.25 4.80 3.00
CA TRP A 21 6.68 6.04 2.48
C TRP A 21 5.17 6.08 2.67
N CYS A 22 4.50 4.94 2.50
CA CYS A 22 3.02 4.87 2.49
C CYS A 22 2.41 5.23 3.86
N GLU A 23 3.06 4.82 4.95
CA GLU A 23 2.63 5.16 6.32
C GLU A 23 2.92 6.64 6.69
N ASP A 24 3.82 7.31 5.98
CA ASP A 24 4.08 8.75 6.13
C ASP A 24 3.14 9.60 5.24
N HIS A 25 2.84 9.11 4.04
CA HIS A 25 2.02 9.76 3.02
C HIS A 25 0.53 9.61 3.36
N CYS A 26 0.01 8.39 3.39
CA CYS A 26 -1.43 8.18 3.59
C CYS A 26 -1.90 8.67 4.96
N GLU A 27 -1.06 8.63 6.01
CA GLU A 27 -1.44 9.21 7.32
C GLU A 27 -1.44 10.75 7.29
N SER A 28 -0.61 11.38 6.45
CA SER A 28 -0.71 12.82 6.16
C SER A 28 -1.99 13.14 5.37
N LYS A 29 -2.50 12.19 4.56
CA LYS A 29 -3.83 12.24 3.91
C LYS A 29 -4.97 11.77 4.84
N LYS A 30 -4.70 11.54 6.14
CA LYS A 30 -5.62 10.99 7.16
C LYS A 30 -6.14 9.57 6.90
N GLN A 31 -5.70 8.93 5.80
CA GLN A 31 -5.94 7.53 5.45
C GLN A 31 -5.11 6.54 6.28
N VAL A 32 -5.50 5.26 6.26
CA VAL A 32 -4.81 4.19 7.00
C VAL A 32 -3.51 3.76 6.28
N GLY A 33 -3.57 3.66 4.94
CA GLY A 33 -2.45 3.29 4.07
C GLY A 33 -2.15 1.78 3.96
N LYS A 34 -1.84 1.38 2.73
CA LYS A 34 -1.27 0.09 2.27
C LYS A 34 -0.24 0.38 1.17
N CYS A 35 0.47 -0.65 0.70
CA CYS A 35 1.49 -0.58 -0.34
C CYS A 35 1.14 -1.44 -1.57
N GLU A 36 1.87 -1.23 -2.66
CA GLU A 36 1.86 -2.07 -3.87
C GLU A 36 3.15 -1.93 -4.70
N ASN A 37 4.25 -2.37 -4.08
CA ASN A 37 5.62 -2.63 -4.58
C ASN A 37 6.38 -1.49 -5.31
N PHE A 38 5.70 -0.39 -5.61
CA PHE A 38 6.22 0.79 -6.30
C PHE A 38 5.35 2.01 -6.00
N ASP A 39 4.05 1.80 -5.80
CA ASP A 39 3.14 2.83 -5.32
C ASP A 39 2.53 2.42 -3.98
N CYS A 40 1.86 3.37 -3.36
CA CYS A 40 1.04 3.22 -2.18
C CYS A 40 -0.45 3.12 -2.54
N SER A 41 -1.26 2.68 -1.58
CA SER A 41 -2.71 2.70 -1.65
C SER A 41 -3.30 3.28 -0.36
N CYS A 42 -3.82 4.51 -0.45
CA CYS A 42 -4.47 5.17 0.68
C CYS A 42 -5.96 4.76 0.74
N VAL A 43 -6.23 3.75 1.57
CA VAL A 43 -7.59 3.34 1.95
C VAL A 43 -8.04 4.16 3.16
N LYS A 44 -9.28 4.66 3.13
CA LYS A 44 -9.82 5.57 4.16
C LYS A 44 -10.35 4.76 5.35
N LEU A 45 -11.18 3.76 5.04
CA LEU A 45 -11.72 2.79 6.00
C LEU A 45 -10.66 1.74 6.39
N GLY A 46 -10.87 1.11 7.55
CA GLY A 46 -10.08 0.01 8.10
C GLY A 46 -10.55 -0.38 9.50
N GLY A 47 -9.81 -1.23 10.21
CA GLY A 47 -10.03 -1.51 11.63
C GLY A 47 -11.27 -2.36 11.97
N LYS A 48 -12.09 -1.92 12.93
CA LYS A 48 -13.30 -2.61 13.40
C LYS A 48 -14.51 -2.30 12.53
N ILE A 1 12.95 -13.42 -4.25
CA ILE A 1 12.52 -13.00 -5.61
C ILE A 1 11.49 -13.95 -6.21
N ALA A 2 10.63 -13.41 -7.09
CA ALA A 2 9.65 -14.10 -7.93
C ALA A 2 8.68 -15.05 -7.19
N GLY A 3 8.25 -14.67 -5.97
CA GLY A 3 7.48 -15.53 -5.07
C GLY A 3 6.04 -15.83 -5.50
N VAL A 4 5.37 -14.88 -6.16
CA VAL A 4 3.94 -14.94 -6.54
C VAL A 4 3.69 -14.54 -7.99
N ALA A 5 4.53 -13.68 -8.58
CA ALA A 5 4.50 -13.26 -9.98
C ALA A 5 3.18 -12.59 -10.43
N ASP A 6 2.46 -11.91 -9.53
CA ASP A 6 1.32 -11.04 -9.90
C ASP A 6 1.77 -9.72 -10.55
N LEU A 7 0.83 -8.93 -11.07
CA LEU A 7 1.08 -7.65 -11.76
C LEU A 7 1.55 -6.56 -10.79
N ASN A 8 2.10 -5.44 -11.31
CA ASN A 8 2.75 -4.37 -10.55
C ASN A 8 1.78 -3.50 -9.71
N ASN A 9 0.47 -3.75 -9.83
CA ASN A 9 -0.60 -3.09 -9.07
C ASN A 9 -0.51 -3.29 -7.54
N MET A 10 -1.43 -2.66 -6.81
CA MET A 10 -1.46 -2.59 -5.33
C MET A 10 -1.75 -3.91 -4.58
N SER A 11 -1.54 -5.08 -5.21
CA SER A 11 -1.62 -6.41 -4.58
C SER A 11 -0.34 -6.84 -3.85
N GLU A 12 0.63 -5.94 -3.71
CA GLU A 12 1.91 -6.16 -3.02
C GLU A 12 1.74 -6.41 -1.51
N LEU A 13 2.56 -7.29 -0.93
CA LEU A 13 2.59 -7.60 0.51
C LEU A 13 3.85 -7.08 1.22
N GLY A 14 5.04 -7.34 0.66
CA GLY A 14 6.32 -7.06 1.32
C GLY A 14 6.61 -5.57 1.49
N CYS A 15 6.98 -4.89 0.39
CA CYS A 15 7.36 -3.48 0.31
C CYS A 15 8.22 -2.89 1.47
N PRO A 16 9.25 -3.61 1.99
CA PRO A 16 9.97 -3.24 3.22
C PRO A 16 10.65 -1.86 3.19
N PHE A 17 11.08 -1.38 2.02
CA PHE A 17 11.67 -0.04 1.85
C PHE A 17 10.71 1.01 1.27
N ILE A 18 9.42 0.69 1.08
CA ILE A 18 8.41 1.61 0.57
C ILE A 18 7.33 1.94 1.61
N GLU A 19 7.01 1.01 2.52
CA GLU A 19 6.06 1.23 3.63
C GLU A 19 6.42 2.45 4.51
N LYS A 20 7.71 2.74 4.64
CA LYS A 20 8.27 3.89 5.36
C LYS A 20 7.75 5.23 4.82
N TRP A 21 7.71 5.37 3.50
CA TRP A 21 7.16 6.55 2.82
C TRP A 21 5.62 6.58 2.90
N CYS A 22 4.96 5.42 2.72
CA CYS A 22 3.50 5.35 2.60
C CYS A 22 2.80 5.67 3.93
N GLU A 23 3.37 5.21 5.04
CA GLU A 23 2.84 5.48 6.38
C GLU A 23 3.13 6.91 6.89
N ASP A 24 3.93 7.71 6.17
CA ASP A 24 4.07 9.15 6.39
C ASP A 24 3.13 9.95 5.45
N HIS A 25 2.99 9.52 4.19
CA HIS A 25 2.14 10.15 3.17
C HIS A 25 0.67 9.95 3.53
N CYS A 26 0.17 8.72 3.52
CA CYS A 26 -1.24 8.45 3.75
C CYS A 26 -1.69 8.89 5.16
N GLU A 27 -0.79 8.93 6.14
CA GLU A 27 -1.09 9.47 7.48
C GLU A 27 -1.30 11.00 7.48
N SER A 28 -0.59 11.75 6.62
CA SER A 28 -0.88 13.17 6.38
C SER A 28 -2.26 13.36 5.73
N LYS A 29 -2.71 12.37 4.95
CA LYS A 29 -4.04 12.27 4.33
C LYS A 29 -5.12 11.69 5.28
N LYS A 30 -4.74 11.29 6.50
CA LYS A 30 -5.55 10.55 7.50
C LYS A 30 -6.11 9.18 7.00
N GLN A 31 -5.49 8.61 5.98
CA GLN A 31 -5.68 7.21 5.50
C GLN A 31 -4.74 6.21 6.19
N VAL A 32 -5.08 4.92 6.11
CA VAL A 32 -4.33 3.81 6.75
C VAL A 32 -3.04 3.48 5.99
N GLY A 33 -3.08 3.52 4.65
CA GLY A 33 -1.91 3.37 3.78
C GLY A 33 -1.41 1.93 3.56
N LYS A 34 -1.26 1.56 2.29
CA LYS A 34 -0.68 0.32 1.77
C LYS A 34 0.20 0.60 0.53
N CYS A 35 0.81 -0.41 -0.07
CA CYS A 35 1.83 -0.29 -1.12
C CYS A 35 1.35 -0.64 -2.55
N GLU A 36 1.91 0.06 -3.54
CA GLU A 36 1.77 -0.23 -4.98
C GLU A 36 3.16 -0.42 -5.61
N ASN A 37 3.94 -1.33 -5.01
CA ASN A 37 5.34 -1.69 -5.30
C ASN A 37 6.40 -0.56 -5.22
N PHE A 38 6.00 0.72 -5.26
CA PHE A 38 6.89 1.89 -5.21
C PHE A 38 6.12 3.16 -4.80
N ASP A 39 4.87 3.26 -5.27
CA ASP A 39 3.86 4.22 -4.83
C ASP A 39 3.02 3.59 -3.69
N CYS A 40 2.01 4.32 -3.22
CA CYS A 40 1.21 4.05 -2.04
C CYS A 40 -0.30 4.12 -2.33
N SER A 41 -1.03 3.11 -1.86
CA SER A 41 -2.48 2.98 -1.88
C SER A 41 -3.07 3.49 -0.57
N CYS A 42 -3.60 4.70 -0.56
CA CYS A 42 -4.22 5.29 0.63
C CYS A 42 -5.67 4.82 0.78
N VAL A 43 -5.87 3.69 1.47
CA VAL A 43 -7.20 3.20 1.87
C VAL A 43 -7.68 3.95 3.11
N LYS A 44 -8.94 4.36 3.14
CA LYS A 44 -9.53 5.17 4.22
C LYS A 44 -9.90 4.28 5.41
N LEU A 45 -10.48 3.12 5.12
CA LEU A 45 -10.77 2.04 6.07
C LEU A 45 -9.69 0.94 5.99
N GLY A 46 -9.33 0.37 7.14
CA GLY A 46 -8.33 -0.69 7.29
C GLY A 46 -8.83 -2.08 6.89
N GLY A 47 -7.90 -3.03 6.75
CA GLY A 47 -8.15 -4.38 6.23
C GLY A 47 -8.19 -4.45 4.69
N LYS A 48 -8.27 -5.68 4.17
CA LYS A 48 -8.38 -6.00 2.74
C LYS A 48 -9.69 -5.50 2.12
#